data_2I9P
#
_entry.id   2I9P
#
_cell.length_a   49.627
_cell.length_b   167.319
_cell.length_c   71.089
_cell.angle_alpha   90.00
_cell.angle_beta   107.80
_cell.angle_gamma   90.00
#
_symmetry.space_group_name_H-M   'P 1 21 1'
#
loop_
_entity.id
_entity.type
_entity.pdbx_description
1 polymer '3-hydroxyisobutyrate dehydrogenase'
2 non-polymer NICOTINAMIDE-ADENINE-DINUCLEOTIDE
#
_entity_poly.entity_id   1
_entity_poly.type   'polypeptide(L)'
_entity_poly.pdbx_seq_one_letter_code
;MHHHHHHSSGVDLGTENLYFQSMPVGFIGLGNMGNPMAKNLMKHGYPLIIYDVFPDACKEFQDAGEQVVSSPADVAEKAD
RIITMLPTSINAIEAYSGANGILKKVKKGSLLIDSSTIDPAVSKELAKEVEKMGAVFMDAPVSGGVGAARSGNLTFMVGG
VEDEFAAAQELLGCMGSNVVYCGAVGTGQAAKICNNMLLAISMIGTAEAMNLGIRLGLDPKLLAKILNMSSGRCWSSDTY
NPVPGVMDGVPSANNYQGGFGTTLMAKDLGLAQDSATSTKSPILLGSLAHQIYRMMCAKGYSKKDFSSVFQFLREEETF
;
_entity_poly.pdbx_strand_id   A,B,C,D
#
# COMPACT_ATOMS: atom_id res chain seq x y z
N MET A 23 -32.89 41.71 -2.85
CA MET A 23 -33.11 40.59 -3.82
C MET A 23 -32.68 39.26 -3.18
N PRO A 24 -33.66 38.43 -2.74
CA PRO A 24 -33.43 37.29 -1.81
C PRO A 24 -32.47 36.18 -2.30
N VAL A 25 -31.72 35.60 -1.36
CA VAL A 25 -30.83 34.47 -1.63
C VAL A 25 -31.15 33.30 -0.70
N GLY A 26 -31.30 32.11 -1.28
CA GLY A 26 -31.67 30.92 -0.52
C GLY A 26 -30.44 30.18 -0.04
N PHE A 27 -30.48 29.75 1.22
CA PHE A 27 -29.37 29.01 1.81
C PHE A 27 -29.87 27.76 2.53
N ILE A 28 -29.42 26.60 2.06
CA ILE A 28 -29.82 25.31 2.63
C ILE A 28 -28.59 24.64 3.22
N GLY A 29 -28.62 24.39 4.52
CA GLY A 29 -27.54 23.70 5.23
C GLY A 29 -26.60 24.68 5.91
N LEU A 30 -26.69 24.78 7.23
CA LEU A 30 -25.97 25.82 7.98
C LEU A 30 -25.13 25.25 9.13
N GLY A 31 -24.18 24.38 8.79
CA GLY A 31 -23.21 23.84 9.74
C GLY A 31 -21.95 24.66 9.81
N ASN A 32 -20.80 23.99 9.90
CA ASN A 32 -19.52 24.65 10.19
C ASN A 32 -19.05 25.60 9.10
N MET A 33 -19.30 25.24 7.86
CA MET A 33 -19.00 26.10 6.74
C MET A 33 -20.23 26.94 6.39
N GLY A 34 -21.41 26.34 6.48
CA GLY A 34 -22.66 27.02 6.09
C GLY A 34 -23.00 28.24 6.92
N ASN A 35 -22.84 28.12 8.23
CA ASN A 35 -23.15 29.22 9.13
C ASN A 35 -22.37 30.49 8.80
N PRO A 36 -21.03 30.45 8.86
CA PRO A 36 -20.26 31.64 8.52
C PRO A 36 -20.41 32.11 7.06
N MET A 37 -20.53 31.18 6.12
CA MET A 37 -20.83 31.54 4.74
C MET A 37 -22.11 32.36 4.66
N ALA A 38 -23.17 31.85 5.27
CA ALA A 38 -24.47 32.53 5.28
C ALA A 38 -24.38 33.89 5.97
N LYS A 39 -23.57 34.00 7.01
CA LYS A 39 -23.37 35.27 7.70
C LYS A 39 -22.70 36.31 6.81
N ASN A 40 -21.72 35.89 6.02
CA ASN A 40 -21.04 36.83 5.14
C ASN A 40 -21.93 37.39 4.05
N LEU A 41 -22.89 36.59 3.58
CA LEU A 41 -23.92 37.07 2.65
C LEU A 41 -24.79 38.16 3.29
N MET A 42 -25.02 38.05 4.61
CA MET A 42 -25.72 39.09 5.36
C MET A 42 -24.85 40.34 5.52
N LYS A 43 -23.54 40.15 5.68
CA LYS A 43 -22.61 41.29 5.77
C LYS A 43 -22.59 42.11 4.47
N HIS A 44 -22.66 41.45 3.32
CA HIS A 44 -22.73 42.15 2.03
C HIS A 44 -24.15 42.62 1.70
N GLY A 45 -25.12 42.21 2.52
CA GLY A 45 -26.46 42.82 2.51
C GLY A 45 -27.49 42.06 1.70
N TYR A 46 -27.52 40.74 1.87
CA TYR A 46 -28.52 39.92 1.20
C TYR A 46 -29.53 39.39 2.22
N PRO A 47 -30.84 39.50 1.91
CA PRO A 47 -31.83 38.77 2.70
C PRO A 47 -31.72 37.28 2.42
N LEU A 48 -31.73 36.46 3.47
CA LEU A 48 -31.60 35.01 3.35
C LEU A 48 -32.92 34.27 3.65
N ILE A 49 -33.20 33.22 2.86
CA ILE A 49 -34.27 32.27 3.14
C ILE A 49 -33.63 30.94 3.59
N ILE A 50 -33.60 30.73 4.90
CA ILE A 50 -32.87 29.64 5.53
C ILE A 50 -33.68 28.35 5.59
N TYR A 51 -32.99 27.23 5.39
CA TYR A 51 -33.53 25.92 5.75
C TYR A 51 -32.41 24.97 6.18
N ASP A 52 -32.72 24.14 7.19
CA ASP A 52 -31.82 23.08 7.67
C ASP A 52 -32.64 21.98 8.35
N VAL A 53 -32.32 20.73 8.05
CA VAL A 53 -33.03 19.59 8.62
C VAL A 53 -32.80 19.48 10.16
N PHE A 54 -31.70 20.05 10.64
CA PHE A 54 -31.47 20.23 12.07
C PHE A 54 -31.94 21.64 12.45
N PRO A 55 -33.10 21.75 13.13
CA PRO A 55 -33.79 23.03 13.27
C PRO A 55 -33.09 24.01 14.23
N ASP A 56 -32.43 23.45 15.23
CA ASP A 56 -31.64 24.22 16.17
C ASP A 56 -30.65 25.12 15.42
N ALA A 57 -30.03 24.57 14.37
CA ALA A 57 -29.08 25.29 13.54
C ALA A 57 -29.63 26.58 12.91
N CYS A 58 -30.95 26.65 12.75
CA CYS A 58 -31.62 27.84 12.20
C CYS A 58 -31.85 28.95 13.22
N LYS A 59 -32.09 28.55 14.48
CA LYS A 59 -32.51 29.47 15.53
C LYS A 59 -31.82 30.83 15.48
N GLU A 60 -30.50 30.82 15.27
CA GLU A 60 -29.69 32.05 15.22
C GLU A 60 -30.10 33.02 14.12
N PHE A 61 -30.61 32.49 13.01
CA PHE A 61 -30.96 33.30 11.84
C PHE A 61 -32.35 33.91 11.88
N GLN A 62 -33.28 33.20 12.52
CA GLN A 62 -34.62 33.74 12.75
C GLN A 62 -34.54 34.99 13.65
N ASP A 63 -33.48 35.07 14.47
CA ASP A 63 -33.22 36.23 15.32
C ASP A 63 -32.63 37.41 14.55
N ALA A 64 -31.81 37.10 13.55
CA ALA A 64 -31.16 38.13 12.75
C ALA A 64 -32.12 38.83 11.78
N GLY A 65 -33.35 38.33 11.67
CA GLY A 65 -34.37 38.93 10.81
C GLY A 65 -34.69 38.11 9.57
N GLU A 66 -33.99 36.99 9.42
CA GLU A 66 -34.09 36.17 8.21
C GLU A 66 -35.27 35.20 8.31
N GLN A 67 -35.77 34.75 7.17
CA GLN A 67 -36.93 33.86 7.13
C GLN A 67 -36.49 32.38 7.04
N VAL A 68 -36.94 31.59 8.01
CA VAL A 68 -36.72 30.15 8.03
C VAL A 68 -37.96 29.48 7.45
N VAL A 69 -37.77 28.48 6.59
CA VAL A 69 -38.90 27.77 5.96
C VAL A 69 -38.88 26.30 6.33
N SER A 70 -39.93 25.58 5.94
CA SER A 70 -40.12 24.19 6.37
C SER A 70 -39.50 23.14 5.46
N SER A 71 -38.96 23.55 4.31
CA SER A 71 -38.36 22.61 3.35
C SER A 71 -37.52 23.32 2.30
N PRO A 72 -36.66 22.58 1.58
CA PRO A 72 -36.00 23.10 0.38
C PRO A 72 -36.98 23.62 -0.68
N ALA A 73 -38.02 22.85 -0.99
CA ALA A 73 -39.07 23.27 -1.92
C ALA A 73 -39.56 24.69 -1.57
N ASP A 74 -39.75 24.93 -0.28
CA ASP A 74 -40.23 26.24 0.21
C ASP A 74 -39.17 27.33 0.12
N VAL A 75 -37.90 26.97 0.12
CA VAL A 75 -36.86 27.95 -0.17
C VAL A 75 -36.97 28.33 -1.66
N ALA A 76 -37.04 27.32 -2.52
CA ALA A 76 -37.13 27.52 -3.98
C ALA A 76 -38.35 28.35 -4.39
N GLU A 77 -39.45 28.19 -3.66
CA GLU A 77 -40.70 28.93 -3.90
C GLU A 77 -40.53 30.43 -3.66
N LYS A 78 -39.55 30.80 -2.84
CA LYS A 78 -39.34 32.20 -2.47
C LYS A 78 -37.99 32.79 -2.95
N ALA A 79 -37.03 31.95 -3.33
CA ALA A 79 -35.68 32.42 -3.68
C ALA A 79 -35.31 32.16 -5.13
N ASP A 80 -34.89 33.22 -5.81
CA ASP A 80 -34.48 33.14 -7.22
C ASP A 80 -33.12 32.46 -7.43
N ARG A 81 -32.22 32.54 -6.44
CA ARG A 81 -30.93 31.84 -6.52
C ARG A 81 -30.49 31.28 -5.16
N ILE A 82 -30.13 30.00 -5.15
CA ILE A 82 -29.94 29.24 -3.92
C ILE A 82 -28.56 28.62 -3.83
N ILE A 83 -28.06 28.49 -2.60
CA ILE A 83 -26.78 27.83 -2.30
C ILE A 83 -27.02 26.69 -1.31
N THR A 84 -26.31 25.57 -1.51
CA THR A 84 -26.48 24.39 -0.65
C THR A 84 -25.13 23.90 -0.11
N MET A 85 -24.99 23.87 1.22
CA MET A 85 -23.75 23.44 1.86
C MET A 85 -24.02 22.21 2.75
N LEU A 86 -24.09 21.05 2.10
CA LEU A 86 -24.52 19.83 2.75
C LEU A 86 -23.36 18.86 2.89
N PRO A 87 -23.48 17.85 3.77
CA PRO A 87 -22.34 16.94 4.03
C PRO A 87 -21.84 16.14 2.82
N THR A 88 -22.71 15.35 2.19
CA THR A 88 -22.28 14.55 1.04
C THR A 88 -23.40 14.29 0.04
N SER A 89 -23.10 13.45 -0.96
CA SER A 89 -23.99 13.22 -2.10
C SER A 89 -25.47 12.96 -1.76
N ILE A 90 -25.73 11.96 -0.92
CA ILE A 90 -27.10 11.59 -0.56
C ILE A 90 -27.91 12.81 -0.05
N ASN A 91 -27.23 13.67 0.66
CA ASN A 91 -27.86 14.88 1.21
C ASN A 91 -28.29 15.83 0.10
N ALA A 92 -27.39 16.06 -0.86
CA ALA A 92 -27.71 16.88 -2.03
C ALA A 92 -28.79 16.20 -2.86
N ILE A 93 -28.66 14.90 -3.12
CA ILE A 93 -29.71 14.18 -3.88
C ILE A 93 -31.07 14.39 -3.21
N GLU A 94 -31.11 14.27 -1.88
CA GLU A 94 -32.36 14.48 -1.15
C GLU A 94 -32.80 15.94 -1.17
N ALA A 95 -31.90 16.85 -0.80
CA ALA A 95 -32.24 18.30 -0.75
C ALA A 95 -32.83 18.80 -2.05
N TYR A 96 -32.33 18.30 -3.17
CA TYR A 96 -32.81 18.73 -4.49
C TYR A 96 -33.99 17.91 -5.03
N SER A 97 -33.76 16.60 -5.20
CA SER A 97 -34.72 15.70 -5.85
C SER A 97 -35.77 15.12 -4.89
N GLY A 98 -35.61 15.35 -3.59
CA GLY A 98 -36.53 14.82 -2.57
C GLY A 98 -37.97 15.22 -2.74
N ALA A 99 -38.85 14.49 -2.07
CA ALA A 99 -40.29 14.67 -2.16
C ALA A 99 -40.71 16.14 -1.92
N ASN A 100 -40.02 16.80 -0.99
CA ASN A 100 -40.19 18.24 -0.79
C ASN A 100 -38.85 18.93 -1.05
N GLY A 101 -38.23 18.56 -2.16
CA GLY A 101 -36.95 19.13 -2.58
C GLY A 101 -37.09 20.38 -3.43
N ILE A 102 -35.95 20.98 -3.74
CA ILE A 102 -35.89 22.24 -4.49
C ILE A 102 -36.58 22.14 -5.85
N LEU A 103 -36.29 21.06 -6.58
CA LEU A 103 -36.77 20.92 -7.96
C LEU A 103 -38.30 20.81 -8.05
N LYS A 104 -38.95 20.60 -6.91
CA LYS A 104 -40.41 20.59 -6.85
C LYS A 104 -41.01 21.99 -7.06
N LYS A 105 -40.28 23.04 -6.67
CA LYS A 105 -40.80 24.42 -6.81
C LYS A 105 -39.79 25.46 -7.31
N VAL A 106 -38.69 25.03 -7.91
CA VAL A 106 -37.71 25.97 -8.51
C VAL A 106 -38.33 26.71 -9.68
N LYS A 107 -37.99 28.00 -9.80
CA LYS A 107 -38.57 28.86 -10.84
C LYS A 107 -37.69 28.94 -12.07
N LYS A 108 -38.30 29.25 -13.21
CA LYS A 108 -37.59 29.47 -14.48
C LYS A 108 -36.33 30.32 -14.26
N GLY A 109 -35.24 29.96 -14.92
CA GLY A 109 -34.01 30.77 -14.91
C GLY A 109 -33.28 30.94 -13.59
N SER A 110 -33.63 30.13 -12.59
CA SER A 110 -33.00 30.21 -11.27
C SER A 110 -31.55 29.73 -11.30
N LEU A 111 -30.73 30.28 -10.41
CA LEU A 111 -29.34 29.85 -10.27
C LEU A 111 -29.18 29.04 -8.98
N LEU A 112 -28.93 27.74 -9.14
CA LEU A 112 -28.71 26.88 -7.99
C LEU A 112 -27.22 26.53 -7.90
N ILE A 113 -26.61 26.75 -6.73
CA ILE A 113 -25.19 26.47 -6.55
C ILE A 113 -24.99 25.50 -5.40
N ASP A 114 -24.37 24.37 -5.68
CA ASP A 114 -24.06 23.42 -4.64
C ASP A 114 -22.60 23.51 -4.27
N SER A 115 -22.33 24.04 -3.07
CA SER A 115 -20.96 24.15 -2.58
C SER A 115 -20.57 23.01 -1.62
N SER A 116 -21.42 21.99 -1.59
CA SER A 116 -21.08 20.75 -0.93
C SER A 116 -19.91 20.11 -1.67
N THR A 117 -19.15 19.24 -1.00
CA THR A 117 -18.17 18.39 -1.70
C THR A 117 -18.82 17.02 -1.87
N ILE A 118 -19.18 16.69 -3.12
CA ILE A 118 -19.88 15.46 -3.45
C ILE A 118 -19.29 14.82 -4.72
N ASP A 119 -19.77 13.64 -5.07
CA ASP A 119 -19.36 12.94 -6.26
C ASP A 119 -19.67 13.80 -7.48
N PRO A 120 -18.67 14.00 -8.38
CA PRO A 120 -18.93 14.68 -9.64
C PRO A 120 -20.08 14.09 -10.43
N ALA A 121 -20.08 12.77 -10.58
CA ALA A 121 -21.17 12.10 -11.31
C ALA A 121 -22.53 12.55 -10.80
N VAL A 122 -22.67 12.74 -9.48
CA VAL A 122 -23.93 13.18 -8.89
C VAL A 122 -24.20 14.64 -9.24
N SER A 123 -23.15 15.45 -9.29
CA SER A 123 -23.30 16.83 -9.73
C SER A 123 -23.88 16.88 -11.14
N LYS A 124 -23.35 16.08 -12.06
CA LYS A 124 -23.89 16.06 -13.43
C LYS A 124 -25.35 15.63 -13.44
N GLU A 125 -25.67 14.56 -12.69
CA GLU A 125 -27.05 14.06 -12.60
C GLU A 125 -28.02 15.16 -12.13
N LEU A 126 -27.65 15.89 -11.08
CA LEU A 126 -28.44 17.03 -10.63
C LEU A 126 -28.54 18.12 -11.70
N ALA A 127 -27.41 18.40 -12.34
CA ALA A 127 -27.33 19.38 -13.42
C ALA A 127 -28.32 19.05 -14.53
N LYS A 128 -28.40 17.79 -14.93
CA LYS A 128 -29.37 17.35 -15.92
C LYS A 128 -30.81 17.57 -15.44
N GLU A 129 -31.07 17.29 -14.17
CA GLU A 129 -32.41 17.47 -13.60
C GLU A 129 -32.78 18.94 -13.38
N VAL A 130 -31.81 19.79 -13.09
CA VAL A 130 -32.04 21.24 -12.94
C VAL A 130 -32.27 21.88 -14.31
N GLU A 131 -31.41 21.54 -15.28
CA GLU A 131 -31.52 22.05 -16.64
C GLU A 131 -32.84 21.61 -17.32
N LYS A 132 -33.35 20.44 -16.94
CA LYS A 132 -34.68 19.97 -17.35
C LYS A 132 -35.75 20.95 -16.92
N MET A 133 -35.58 21.48 -15.70
CA MET A 133 -36.54 22.41 -15.12
C MET A 133 -36.31 23.86 -15.54
N GLY A 134 -35.37 24.09 -16.44
CA GLY A 134 -35.13 25.44 -16.98
C GLY A 134 -34.40 26.35 -16.00
N ALA A 135 -33.55 25.76 -15.17
CA ALA A 135 -32.73 26.52 -14.25
C ALA A 135 -31.28 26.19 -14.55
N VAL A 136 -30.36 26.86 -13.88
CA VAL A 136 -28.94 26.57 -14.04
C VAL A 136 -28.41 26.00 -12.75
N PHE A 137 -27.56 24.99 -12.89
CA PHE A 137 -26.87 24.37 -11.75
C PHE A 137 -25.37 24.56 -11.91
N MET A 138 -24.67 24.74 -10.79
CA MET A 138 -23.22 24.84 -10.78
C MET A 138 -22.63 24.23 -9.50
N ASP A 139 -21.71 23.30 -9.64
CA ASP A 139 -20.96 22.83 -8.47
C ASP A 139 -19.91 23.87 -8.12
N ALA A 140 -19.81 24.18 -6.83
CA ALA A 140 -18.85 25.17 -6.35
C ALA A 140 -18.30 24.83 -4.95
N PRO A 141 -17.65 23.66 -4.81
CA PRO A 141 -17.03 23.26 -3.53
C PRO A 141 -15.92 24.21 -3.15
N VAL A 142 -15.53 24.18 -1.88
CA VAL A 142 -14.66 25.22 -1.30
C VAL A 142 -13.35 24.69 -0.71
N SER A 143 -12.29 25.47 -0.88
CA SER A 143 -11.02 25.26 -0.19
C SER A 143 -10.88 26.31 0.92
N GLY A 144 -10.28 25.89 2.04
CA GLY A 144 -10.24 26.71 3.25
C GLY A 144 -11.27 26.18 4.24
N GLY A 145 -10.96 26.30 5.53
CA GLY A 145 -11.81 25.74 6.58
C GLY A 145 -12.72 26.77 7.26
N VAL A 146 -13.07 26.51 8.52
CA VAL A 146 -14.00 27.33 9.26
C VAL A 146 -13.53 28.78 9.33
N GLY A 147 -12.21 28.96 9.48
CA GLY A 147 -11.63 30.31 9.55
C GLY A 147 -11.83 31.11 8.28
N ALA A 148 -11.40 30.57 7.14
CA ALA A 148 -11.58 31.20 5.84
C ALA A 148 -13.04 31.48 5.58
N ALA A 149 -13.89 30.55 6.00
CA ALA A 149 -15.33 30.72 5.92
C ALA A 149 -15.79 32.03 6.57
N ARG A 150 -15.33 32.27 7.79
CA ARG A 150 -15.73 33.46 8.57
C ARG A 150 -15.16 34.74 7.94
N SER A 151 -13.85 34.76 7.71
CA SER A 151 -13.17 35.92 7.13
C SER A 151 -13.63 36.22 5.71
N GLY A 152 -14.00 35.16 4.97
CA GLY A 152 -14.47 35.29 3.59
C GLY A 152 -13.39 35.09 2.55
N ASN A 153 -12.33 34.36 2.92
CA ASN A 153 -11.17 34.10 2.04
C ASN A 153 -11.16 32.68 1.43
N LEU A 154 -12.33 32.03 1.40
CA LEU A 154 -12.45 30.71 0.81
C LEU A 154 -12.14 30.75 -0.68
N THR A 155 -11.68 29.63 -1.22
CA THR A 155 -11.56 29.47 -2.65
C THR A 155 -12.72 28.61 -3.14
N PHE A 156 -13.40 29.08 -4.18
CA PHE A 156 -14.49 28.34 -4.80
C PHE A 156 -13.98 27.79 -6.09
N MET A 157 -14.19 26.50 -6.29
CA MET A 157 -13.84 25.84 -7.54
C MET A 157 -15.15 25.56 -8.23
N VAL A 158 -15.37 26.21 -9.38
CA VAL A 158 -16.69 26.32 -9.98
C VAL A 158 -16.75 25.59 -11.32
N GLY A 159 -17.77 24.76 -11.49
CA GLY A 159 -18.02 24.03 -12.74
C GLY A 159 -19.44 24.30 -13.21
N GLY A 160 -19.61 24.31 -14.53
CA GLY A 160 -20.92 24.59 -15.14
C GLY A 160 -20.81 25.33 -16.46
N VAL A 161 -21.95 25.67 -17.03
CA VAL A 161 -21.94 26.39 -18.29
C VAL A 161 -21.26 27.75 -18.07
N GLU A 162 -20.22 28.00 -18.86
CA GLU A 162 -19.31 29.13 -18.65
C GLU A 162 -19.98 30.50 -18.69
N ASP A 163 -21.03 30.65 -19.50
CA ASP A 163 -21.74 31.94 -19.58
C ASP A 163 -22.25 32.36 -18.19
N GLU A 164 -22.68 31.37 -17.40
CA GLU A 164 -23.24 31.61 -16.07
C GLU A 164 -22.20 31.91 -14.99
N PHE A 165 -20.92 31.72 -15.29
CA PHE A 165 -19.87 31.94 -14.30
C PHE A 165 -19.84 33.38 -13.79
N ALA A 166 -20.04 34.35 -14.69
CA ALA A 166 -20.06 35.76 -14.31
C ALA A 166 -21.04 35.97 -13.15
N ALA A 167 -22.28 35.52 -13.34
CA ALA A 167 -23.33 35.65 -12.32
C ALA A 167 -22.94 35.02 -10.99
N ALA A 168 -22.41 33.81 -11.05
CA ALA A 168 -22.03 33.07 -9.86
C ALA A 168 -20.87 33.73 -9.11
N GLN A 169 -19.96 34.36 -9.85
CA GLN A 169 -18.84 35.03 -9.21
C GLN A 169 -19.34 36.18 -8.37
N GLU A 170 -20.33 36.92 -8.89
CA GLU A 170 -20.95 38.02 -8.16
C GLU A 170 -21.39 37.55 -6.77
N LEU A 171 -22.04 36.39 -6.72
CA LEU A 171 -22.62 35.90 -5.47
C LEU A 171 -21.57 35.24 -4.57
N LEU A 172 -20.73 34.39 -5.14
CA LEU A 172 -19.72 33.65 -4.38
C LEU A 172 -18.62 34.53 -3.79
N GLY A 173 -18.31 35.63 -4.46
CA GLY A 173 -17.29 36.57 -4.01
C GLY A 173 -17.56 37.20 -2.64
N CYS A 174 -18.81 37.18 -2.20
CA CYS A 174 -19.19 37.61 -0.85
C CYS A 174 -18.68 36.69 0.24
N MET A 175 -18.62 35.40 -0.07
CA MET A 175 -18.19 34.39 0.89
C MET A 175 -16.74 34.01 0.71
N GLY A 176 -16.16 34.35 -0.44
CA GLY A 176 -14.80 33.94 -0.79
C GLY A 176 -13.98 34.95 -1.55
N SER A 177 -12.65 34.81 -1.46
CA SER A 177 -11.69 35.70 -2.11
C SER A 177 -11.18 35.21 -3.47
N ASN A 178 -11.28 33.92 -3.74
CA ASN A 178 -10.94 33.36 -5.05
C ASN A 178 -12.05 32.46 -5.61
N VAL A 179 -12.49 32.78 -6.82
CA VAL A 179 -13.52 32.02 -7.50
C VAL A 179 -13.00 31.63 -8.88
N VAL A 180 -12.68 30.34 -9.05
CA VAL A 180 -12.01 29.85 -10.26
C VAL A 180 -12.92 28.98 -11.09
N TYR A 181 -12.97 29.23 -12.39
CA TYR A 181 -13.75 28.40 -13.31
C TYR A 181 -12.96 27.15 -13.70
N CYS A 182 -13.57 25.98 -13.50
CA CYS A 182 -12.85 24.70 -13.71
C CYS A 182 -13.21 23.95 -15.00
N GLY A 183 -14.32 24.33 -15.61
CA GLY A 183 -14.83 23.63 -16.79
C GLY A 183 -16.30 23.31 -16.62
N ALA A 184 -16.75 22.23 -17.26
CA ALA A 184 -18.16 21.83 -17.22
C ALA A 184 -18.59 21.35 -15.81
N VAL A 185 -19.89 21.13 -15.63
CA VAL A 185 -20.40 20.69 -14.34
C VAL A 185 -19.71 19.42 -13.93
N GLY A 186 -19.18 19.42 -12.71
CA GLY A 186 -18.46 18.28 -12.17
C GLY A 186 -16.99 18.56 -11.98
N THR A 187 -16.47 19.52 -12.76
CA THR A 187 -15.04 19.84 -12.73
C THR A 187 -14.61 20.48 -11.41
N GLY A 188 -15.54 21.19 -10.76
CA GLY A 188 -15.25 21.76 -9.45
C GLY A 188 -15.05 20.68 -8.40
N GLN A 189 -15.96 19.72 -8.34
CA GLN A 189 -15.80 18.59 -7.44
C GLN A 189 -14.52 17.87 -7.82
N ALA A 190 -14.30 17.71 -9.12
CA ALA A 190 -13.05 17.12 -9.62
C ALA A 190 -11.85 17.81 -9.00
N ALA A 191 -11.81 19.13 -9.03
CA ALA A 191 -10.66 19.81 -8.50
C ALA A 191 -10.62 19.71 -6.99
N LYS A 192 -11.74 19.91 -6.28
CA LYS A 192 -11.71 19.80 -4.81
C LYS A 192 -11.24 18.41 -4.40
N ILE A 193 -11.82 17.36 -5.00
CA ILE A 193 -11.49 15.99 -4.64
C ILE A 193 -10.03 15.68 -4.85
N CYS A 194 -9.50 16.07 -6.01
CA CYS A 194 -8.09 15.81 -6.35
C CYS A 194 -7.13 16.51 -5.43
N ASN A 195 -7.37 17.79 -5.22
CA ASN A 195 -6.56 18.53 -4.28
C ASN A 195 -6.52 17.86 -2.90
N ASN A 196 -7.68 17.44 -2.38
CA ASN A 196 -7.70 16.83 -1.05
C ASN A 196 -6.96 15.54 -1.01
N MET A 197 -6.91 14.82 -2.13
CA MET A 197 -6.16 13.60 -2.14
C MET A 197 -4.69 13.91 -2.01
N LEU A 198 -4.20 14.90 -2.76
CA LEU A 198 -2.77 15.26 -2.65
C LEU A 198 -2.41 15.74 -1.28
N LEU A 199 -3.29 16.51 -0.65
CA LEU A 199 -3.06 16.93 0.74
C LEU A 199 -2.95 15.69 1.62
N ALA A 200 -3.87 14.75 1.50
CA ALA A 200 -3.84 13.60 2.40
C ALA A 200 -2.53 12.83 2.25
N ILE A 201 -2.11 12.64 0.99
CA ILE A 201 -0.92 11.86 0.68
C ILE A 201 0.26 12.56 1.28
N SER A 202 0.32 13.87 1.10
CA SER A 202 1.42 14.71 1.63
C SER A 202 1.47 14.87 3.14
N MET A 203 0.30 14.94 3.77
CA MET A 203 0.23 15.08 5.23
C MET A 203 0.75 13.79 5.87
N ILE A 204 0.22 12.66 5.42
CA ILE A 204 0.72 11.37 5.88
C ILE A 204 2.22 11.26 5.52
N GLY A 205 2.61 11.79 4.38
CA GLY A 205 4.00 11.74 3.98
C GLY A 205 4.89 12.47 4.96
N THR A 206 4.56 13.74 5.21
CA THR A 206 5.23 14.60 6.19
C THR A 206 5.29 13.97 7.55
N ALA A 207 4.20 13.33 7.92
CA ALA A 207 4.10 12.64 9.20
C ALA A 207 5.07 11.46 9.25
N GLU A 208 5.06 10.60 8.22
CA GLU A 208 5.98 9.44 8.16
C GLU A 208 7.40 9.90 8.23
N ALA A 209 7.71 10.93 7.46
CA ALA A 209 9.06 11.50 7.38
C ALA A 209 9.52 12.08 8.70
N MET A 210 8.70 12.92 9.31
CA MET A 210 9.07 13.47 10.62
C MET A 210 9.20 12.34 11.67
N ASN A 211 8.27 11.40 11.68
CA ASN A 211 8.38 10.35 12.65
C ASN A 211 9.65 9.53 12.44
N LEU A 212 9.98 9.25 11.18
CA LEU A 212 11.19 8.53 10.90
C LEU A 212 12.38 9.26 11.49
N GLY A 213 12.57 10.50 11.07
CA GLY A 213 13.71 11.29 11.48
C GLY A 213 13.88 11.48 12.98
N ILE A 214 12.76 11.60 13.68
CA ILE A 214 12.78 11.77 15.14
C ILE A 214 13.31 10.50 15.77
N ARG A 215 12.77 9.35 15.33
CA ARG A 215 13.20 8.04 15.78
C ARG A 215 14.64 7.72 15.35
N LEU A 216 15.15 8.44 14.34
CA LEU A 216 16.58 8.37 13.98
C LEU A 216 17.42 9.36 14.74
N GLY A 217 16.83 10.08 15.69
CA GLY A 217 17.58 10.98 16.55
C GLY A 217 17.72 12.42 16.07
N LEU A 218 16.74 12.92 15.31
CA LEU A 218 16.74 14.33 14.91
C LEU A 218 15.77 15.18 15.72
N ASP A 219 16.19 16.40 16.05
CA ASP A 219 15.26 17.38 16.59
C ASP A 219 14.21 17.70 15.53
N PRO A 220 12.93 17.73 15.91
CA PRO A 220 11.86 18.00 14.93
C PRO A 220 11.97 19.39 14.34
N LYS A 221 12.32 20.39 15.14
CA LYS A 221 12.45 21.74 14.59
C LYS A 221 13.54 21.82 13.51
N LEU A 222 14.60 21.03 13.62
CA LEU A 222 15.63 21.01 12.59
C LEU A 222 15.23 20.20 11.34
N LEU A 223 14.46 19.13 11.53
CA LEU A 223 14.06 18.32 10.38
C LEU A 223 13.09 19.11 9.54
N ALA A 224 12.11 19.73 10.19
CA ALA A 224 11.15 20.60 9.53
C ALA A 224 11.87 21.68 8.76
N LYS A 225 12.96 22.22 9.32
CA LYS A 225 13.71 23.27 8.62
C LYS A 225 14.21 22.70 7.31
N ILE A 226 14.80 21.51 7.40
CA ILE A 226 15.43 20.88 6.25
C ILE A 226 14.43 20.55 5.17
N LEU A 227 13.35 19.84 5.55
CA LEU A 227 12.26 19.57 4.61
C LEU A 227 11.87 20.89 3.96
N ASN A 228 11.69 21.93 4.76
CA ASN A 228 11.08 23.16 4.24
C ASN A 228 11.95 24.01 3.31
N MET A 229 13.27 23.90 3.43
CA MET A 229 14.18 24.51 2.47
C MET A 229 14.60 23.54 1.33
N SER A 230 13.86 22.45 1.15
CA SER A 230 14.30 21.39 0.26
C SER A 230 13.16 20.88 -0.58
N SER A 231 13.46 19.91 -1.42
CA SER A 231 12.50 19.32 -2.36
C SER A 231 11.29 18.64 -1.73
N GLY A 232 11.35 18.41 -0.41
CA GLY A 232 10.20 17.88 0.34
C GLY A 232 9.14 18.94 0.63
N ARG A 233 9.55 20.21 0.73
CA ARG A 233 8.64 21.32 1.08
C ARG A 233 7.25 21.09 0.51
N CYS A 234 6.23 21.24 1.36
CA CYS A 234 4.83 21.28 0.91
C CYS A 234 3.97 21.96 1.96
N TRP A 235 2.72 22.24 1.62
CA TRP A 235 1.84 23.05 2.47
C TRP A 235 1.76 22.41 3.86
N SER A 236 1.58 21.09 3.87
CA SER A 236 1.49 20.31 5.09
C SER A 236 2.69 20.57 5.98
N SER A 237 3.89 20.57 5.42
CA SER A 237 5.08 20.73 6.26
C SER A 237 5.40 22.14 6.67
N ASP A 238 5.04 23.12 5.85
CA ASP A 238 5.43 24.51 6.11
C ASP A 238 4.29 25.45 6.51
N THR A 239 3.06 24.92 6.56
CA THR A 239 1.89 25.70 7.00
C THR A 239 0.98 25.00 8.01
N TYR A 240 1.09 23.69 8.13
CA TYR A 240 0.17 22.88 8.95
C TYR A 240 0.89 21.69 9.63
N ASN A 241 2.11 21.93 10.09
CA ASN A 241 2.97 20.82 10.53
C ASN A 241 2.26 19.99 11.57
N PRO A 242 2.25 18.66 11.38
CA PRO A 242 1.54 17.79 12.32
C PRO A 242 2.33 17.45 13.58
N VAL A 243 3.59 17.84 13.68
CA VAL A 243 4.40 17.51 14.85
C VAL A 243 4.36 18.55 15.95
N PRO A 244 3.71 18.25 17.07
CA PRO A 244 3.59 19.15 18.22
C PRO A 244 4.85 19.95 18.57
N GLY A 245 4.73 21.28 18.53
CA GLY A 245 5.78 22.18 18.93
C GLY A 245 6.66 22.67 17.80
N VAL A 246 6.42 22.21 16.58
CA VAL A 246 7.18 22.69 15.43
C VAL A 246 6.68 24.07 15.00
N MET A 247 5.36 24.21 14.87
CA MET A 247 4.71 25.43 14.36
C MET A 247 3.63 25.95 15.29
N ASP A 248 3.65 27.27 15.53
CA ASP A 248 2.58 27.98 16.22
C ASP A 248 1.31 28.06 15.39
N GLY A 249 0.16 28.08 16.06
CA GLY A 249 -1.11 28.41 15.42
C GLY A 249 -1.67 27.34 14.50
N VAL A 250 -1.31 26.09 14.75
CA VAL A 250 -1.86 24.95 14.00
C VAL A 250 -2.48 23.94 14.96
N PRO A 251 -3.32 23.03 14.46
CA PRO A 251 -3.93 22.08 15.38
C PRO A 251 -2.96 21.20 16.18
N SER A 252 -1.75 20.94 15.69
CA SER A 252 -0.78 20.14 16.47
C SER A 252 -0.25 20.95 17.66
N ALA A 253 -0.47 22.26 17.65
CA ALA A 253 -0.13 23.11 18.79
C ALA A 253 -1.15 22.97 19.94
N ASN A 254 -2.21 22.18 19.76
CA ASN A 254 -3.41 22.24 20.59
C ASN A 254 -4.22 20.94 20.54
N ASN A 255 -3.54 19.81 20.68
CA ASN A 255 -4.19 18.49 20.72
C ASN A 255 -5.15 18.16 19.56
N TYR A 256 -4.94 18.83 18.42
CA TYR A 256 -5.65 18.54 17.18
C TYR A 256 -7.16 18.82 17.29
N GLN A 257 -7.51 19.82 18.09
CA GLN A 257 -8.89 20.29 18.14
C GLN A 257 -9.23 21.10 16.89
N GLY A 258 -10.51 21.09 16.53
CA GLY A 258 -11.02 21.90 15.43
C GLY A 258 -10.40 21.56 14.09
N GLY A 259 -10.17 22.60 13.29
CA GLY A 259 -9.47 22.48 12.01
C GLY A 259 -10.32 21.80 10.95
N PHE A 260 -9.70 20.91 10.19
CA PHE A 260 -10.41 20.06 9.25
C PHE A 260 -10.43 18.58 9.76
N GLY A 261 -11.62 18.11 10.11
CA GLY A 261 -11.81 16.84 10.81
C GLY A 261 -11.51 15.57 10.02
N THR A 262 -10.86 14.62 10.70
CA THR A 262 -10.62 13.32 10.15
C THR A 262 -11.87 12.69 9.48
N THR A 263 -13.02 12.75 10.11
CA THR A 263 -14.25 12.28 9.45
C THR A 263 -14.44 12.85 8.05
N LEU A 264 -14.27 14.16 7.92
CA LEU A 264 -14.48 14.79 6.63
C LEU A 264 -13.39 14.44 5.65
N MET A 265 -12.16 14.48 6.11
CA MET A 265 -11.08 14.07 5.26
C MET A 265 -11.43 12.67 4.70
N ALA A 266 -11.81 11.76 5.59
CA ALA A 266 -12.04 10.39 5.19
C ALA A 266 -13.16 10.32 4.16
N LYS A 267 -14.24 11.08 4.38
CA LYS A 267 -15.31 11.18 3.37
C LYS A 267 -14.79 11.61 2.00
N ASP A 268 -14.08 12.74 1.96
CA ASP A 268 -13.49 13.24 0.71
C ASP A 268 -12.61 12.22 0.01
N LEU A 269 -11.79 11.48 0.73
CA LEU A 269 -10.92 10.51 0.10
C LEU A 269 -11.73 9.34 -0.44
N GLY A 270 -12.90 9.11 0.18
CA GLY A 270 -13.84 8.14 -0.31
C GLY A 270 -14.39 8.54 -1.65
N LEU A 271 -14.67 9.83 -1.80
CA LEU A 271 -15.07 10.36 -3.07
C LEU A 271 -13.96 10.13 -4.09
N ALA A 272 -12.73 10.50 -3.75
CA ALA A 272 -11.60 10.22 -4.63
C ALA A 272 -11.52 8.70 -4.99
N GLN A 273 -11.61 7.83 -3.99
CA GLN A 273 -11.53 6.40 -4.26
C GLN A 273 -12.57 6.02 -5.28
N ASP A 274 -13.81 6.45 -5.05
CA ASP A 274 -14.87 6.04 -5.98
C ASP A 274 -14.73 6.66 -7.39
N SER A 275 -14.26 7.90 -7.49
CA SER A 275 -14.02 8.49 -8.79
C SER A 275 -12.89 7.75 -9.52
N ALA A 276 -11.89 7.35 -8.74
CA ALA A 276 -10.69 6.69 -9.24
C ALA A 276 -11.10 5.35 -9.81
N THR A 277 -11.95 4.65 -9.08
CA THR A 277 -12.53 3.41 -9.59
C THR A 277 -13.32 3.65 -10.89
N SER A 278 -14.18 4.65 -10.89
CA SER A 278 -15.08 4.88 -12.00
C SER A 278 -14.31 5.32 -13.24
N THR A 279 -13.27 6.14 -13.08
CA THR A 279 -12.46 6.60 -14.22
C THR A 279 -11.31 5.63 -14.51
N LYS A 280 -11.27 4.50 -13.83
CA LYS A 280 -10.16 3.56 -13.97
C LYS A 280 -8.78 4.21 -13.80
N SER A 281 -8.62 4.98 -12.74
CA SER A 281 -7.37 5.68 -12.48
C SER A 281 -6.67 5.03 -11.28
N PRO A 282 -5.46 4.54 -11.50
CA PRO A 282 -4.67 3.94 -10.42
C PRO A 282 -4.21 4.97 -9.43
N ILE A 283 -4.63 4.81 -8.18
CA ILE A 283 -4.17 5.67 -7.08
C ILE A 283 -3.59 4.84 -5.93
N LEU A 284 -2.34 4.44 -6.03
CA LEU A 284 -1.81 3.53 -5.03
C LEU A 284 -1.72 4.29 -3.71
N LEU A 285 -1.00 5.38 -3.69
CA LEU A 285 -0.84 6.07 -2.46
C LEU A 285 -2.17 6.64 -2.00
N GLY A 286 -2.99 7.05 -2.95
CA GLY A 286 -4.27 7.68 -2.62
C GLY A 286 -5.13 6.69 -1.92
N SER A 287 -5.17 5.45 -2.41
CA SER A 287 -5.86 4.39 -1.76
C SER A 287 -5.35 4.17 -0.33
N LEU A 288 -4.04 4.06 -0.10
CA LEU A 288 -3.54 3.92 1.27
C LEU A 288 -3.97 5.09 2.10
N ALA A 289 -3.84 6.29 1.55
CA ALA A 289 -4.26 7.46 2.28
C ALA A 289 -5.72 7.30 2.70
N HIS A 290 -6.58 6.87 1.79
CA HIS A 290 -7.98 6.71 2.13
C HIS A 290 -8.12 5.77 3.32
N GLN A 291 -7.46 4.60 3.25
CA GLN A 291 -7.68 3.53 4.21
C GLN A 291 -7.13 3.91 5.57
N ILE A 292 -6.07 4.71 5.59
CA ILE A 292 -5.45 5.11 6.83
C ILE A 292 -6.37 6.06 7.59
N TYR A 293 -6.96 7.00 6.87
CA TYR A 293 -7.91 7.89 7.51
C TYR A 293 -9.20 7.18 7.89
N ARG A 294 -9.55 6.13 7.18
CA ARG A 294 -10.74 5.33 7.56
C ARG A 294 -10.46 4.62 8.88
N MET A 295 -9.25 4.12 9.05
CA MET A 295 -8.87 3.58 10.32
C MET A 295 -8.97 4.61 11.42
N MET A 296 -8.41 5.78 11.19
CA MET A 296 -8.38 6.77 12.24
C MET A 296 -9.80 7.12 12.72
N CYS A 297 -10.76 7.07 11.81
CA CYS A 297 -12.14 7.31 12.18
C CYS A 297 -12.68 6.27 13.13
N ALA A 298 -12.24 5.03 12.97
CA ALA A 298 -12.61 3.96 13.86
C ALA A 298 -11.84 3.95 15.18
N LYS A 299 -10.71 4.67 15.27
CA LYS A 299 -9.86 4.56 16.46
C LYS A 299 -9.84 5.83 17.27
N GLY A 300 -10.97 6.55 17.24
CA GLY A 300 -11.16 7.73 18.10
C GLY A 300 -10.57 9.05 17.59
N TYR A 301 -10.09 9.12 16.35
CA TYR A 301 -9.62 10.38 15.78
C TYR A 301 -10.67 11.18 15.01
N SER A 302 -11.86 10.62 14.85
CA SER A 302 -12.86 11.23 14.00
C SER A 302 -13.06 12.73 14.26
N LYS A 303 -13.02 13.15 15.51
CA LYS A 303 -13.31 14.56 15.82
C LYS A 303 -12.03 15.41 15.88
N LYS A 304 -10.86 14.78 15.76
CA LYS A 304 -9.60 15.51 15.70
C LYS A 304 -9.26 15.97 14.27
N ASP A 305 -8.41 17.00 14.18
CA ASP A 305 -7.93 17.47 12.90
C ASP A 305 -7.12 16.39 12.22
N PHE A 306 -7.17 16.36 10.90
CA PHE A 306 -6.53 15.32 10.08
C PHE A 306 -5.01 15.26 10.19
N SER A 307 -4.38 16.34 10.67
CA SER A 307 -2.95 16.26 10.91
C SER A 307 -2.62 15.31 12.06
N SER A 308 -3.62 14.93 12.83
CA SER A 308 -3.42 13.97 13.91
C SER A 308 -2.97 12.59 13.46
N VAL A 309 -2.92 12.35 12.14
CA VAL A 309 -2.28 11.13 11.62
C VAL A 309 -0.86 10.95 12.19
N PHE A 310 -0.21 12.03 12.58
CA PHE A 310 1.10 11.89 13.17
C PHE A 310 0.99 11.29 14.55
N GLN A 311 -0.01 11.69 15.32
CA GLN A 311 -0.28 11.00 16.60
C GLN A 311 -0.48 9.50 16.36
N PHE A 312 -1.25 9.18 15.32
CA PHE A 312 -1.55 7.79 14.98
C PHE A 312 -0.31 6.97 14.62
N LEU A 313 0.71 7.57 14.01
CA LEU A 313 1.96 6.85 13.69
C LEU A 313 2.98 6.86 14.83
N ARG A 314 2.98 7.96 15.56
CA ARG A 314 3.89 8.12 16.69
C ARG A 314 3.70 6.96 17.70
N GLU A 315 4.79 6.37 18.18
CA GLU A 315 4.74 5.32 19.20
C GLU A 315 4.75 5.99 20.56
N MET B 23 47.48 24.31 0.42
CA MET B 23 47.22 23.33 1.51
C MET B 23 46.24 22.22 0.99
N PRO B 24 46.78 21.05 0.58
CA PRO B 24 46.09 19.99 -0.18
C PRO B 24 44.75 19.43 0.36
N VAL B 25 43.84 19.12 -0.55
CA VAL B 25 42.55 18.51 -0.21
C VAL B 25 42.41 17.22 -1.02
N GLY B 26 42.00 16.14 -0.36
CA GLY B 26 41.84 14.83 -0.99
C GLY B 26 40.43 14.59 -1.44
N PHE B 27 40.27 14.10 -2.67
CA PHE B 27 38.96 13.80 -3.22
C PHE B 27 38.90 12.38 -3.80
N ILE B 28 37.98 11.57 -3.29
CA ILE B 28 37.82 10.20 -3.72
C ILE B 28 36.42 10.02 -4.29
N GLY B 29 36.34 9.68 -5.58
CA GLY B 29 35.07 9.43 -6.28
C GLY B 29 34.62 10.65 -7.07
N LEU B 30 34.77 10.61 -8.40
CA LEU B 30 34.55 11.79 -9.25
C LEU B 30 33.58 11.49 -10.39
N GLY B 31 32.35 11.15 -10.03
CA GLY B 31 31.26 10.97 -10.98
C GLY B 31 30.44 12.24 -11.18
N ASN B 32 29.13 12.09 -11.23
CA ASN B 32 28.21 13.18 -11.62
C ASN B 32 28.22 14.35 -10.67
N MET B 33 28.23 14.04 -9.37
CA MET B 33 28.34 15.05 -8.33
C MET B 33 29.81 15.35 -7.98
N GLY B 34 30.66 14.31 -7.97
CA GLY B 34 32.06 14.44 -7.63
C GLY B 34 32.87 15.32 -8.56
N ASN B 35 32.68 15.13 -9.87
CA ASN B 35 33.45 15.92 -10.85
C ASN B 35 33.27 17.42 -10.64
N PRO B 36 32.03 17.93 -10.72
CA PRO B 36 31.83 19.37 -10.57
C PRO B 36 32.15 19.88 -9.17
N MET B 37 31.86 19.08 -8.14
CA MET B 37 32.27 19.38 -6.77
C MET B 37 33.79 19.58 -6.70
N ALA B 38 34.55 18.61 -7.21
CA ALA B 38 36.01 18.69 -7.23
C ALA B 38 36.51 19.91 -8.01
N LYS B 39 35.81 20.26 -9.09
CA LYS B 39 36.17 21.43 -9.91
C LYS B 39 35.99 22.74 -9.15
N ASN B 40 34.92 22.85 -8.37
CA ASN B 40 34.69 24.08 -7.60
C ASN B 40 35.74 24.31 -6.51
N LEU B 41 36.24 23.22 -5.94
CA LEU B 41 37.37 23.32 -5.01
C LEU B 41 38.62 23.87 -5.70
N MET B 42 38.80 23.53 -6.98
CA MET B 42 39.90 24.11 -7.77
C MET B 42 39.63 25.57 -8.13
N LYS B 43 38.36 25.94 -8.33
CA LYS B 43 37.98 27.33 -8.54
C LYS B 43 38.32 28.21 -7.32
N HIS B 44 38.09 27.68 -6.11
CA HIS B 44 38.42 28.41 -4.88
C HIS B 44 39.92 28.31 -4.53
N GLY B 45 40.64 27.45 -5.26
CA GLY B 45 42.11 27.45 -5.23
C GLY B 45 42.71 26.40 -4.33
N TYR B 46 42.19 25.18 -4.39
CA TYR B 46 42.75 24.08 -3.63
C TYR B 46 43.45 23.10 -4.54
N PRO B 47 44.67 22.69 -4.18
CA PRO B 47 45.30 21.55 -4.85
C PRO B 47 44.60 20.25 -4.44
N LEU B 48 44.25 19.43 -5.42
CA LEU B 48 43.53 18.16 -5.19
C LEU B 48 44.43 16.92 -5.34
N ILE B 49 44.20 15.93 -4.49
CA ILE B 49 44.81 14.60 -4.63
C ILE B 49 43.70 13.61 -4.99
N ILE B 50 43.58 13.30 -6.28
CA ILE B 50 42.44 12.56 -6.83
C ILE B 50 42.62 11.05 -6.76
N TYR B 51 41.51 10.35 -6.52
CA TYR B 51 41.45 8.92 -6.76
C TYR B 51 40.02 8.46 -7.13
N ASP B 52 39.95 7.50 -8.07
CA ASP B 52 38.70 6.88 -8.50
C ASP B 52 38.97 5.48 -9.04
N VAL B 53 38.16 4.51 -8.62
CA VAL B 53 38.28 3.14 -9.09
C VAL B 53 38.07 3.00 -10.61
N PHE B 54 37.31 3.92 -11.22
CA PHE B 54 37.26 4.01 -12.68
C PHE B 54 38.27 5.06 -13.11
N PRO B 55 39.38 4.62 -13.74
CA PRO B 55 40.53 5.50 -13.95
C PRO B 55 40.29 6.56 -15.02
N ASP B 56 39.44 6.25 -16.01
CA ASP B 56 39.10 7.22 -17.05
C ASP B 56 38.56 8.50 -16.40
N ALA B 57 37.75 8.33 -15.36
CA ALA B 57 37.16 9.44 -14.62
C ALA B 57 38.20 10.44 -14.08
N CYS B 58 39.43 9.98 -13.89
CA CYS B 58 40.51 10.85 -13.40
C CYS B 58 41.24 11.63 -14.49
N LYS B 59 41.29 11.06 -15.70
CA LYS B 59 42.10 11.61 -16.81
C LYS B 59 42.03 13.14 -16.93
N GLU B 60 40.83 13.70 -16.78
CA GLU B 60 40.59 15.13 -16.88
C GLU B 60 41.39 15.95 -15.84
N PHE B 61 41.60 15.36 -14.66
CA PHE B 61 42.23 16.05 -13.52
C PHE B 61 43.76 16.03 -13.57
N GLN B 62 44.32 14.94 -14.11
CA GLN B 62 45.77 14.86 -14.34
C GLN B 62 46.20 15.95 -15.33
N ASP B 63 45.29 16.36 -16.20
CA ASP B 63 45.56 17.44 -17.17
C ASP B 63 45.50 18.81 -16.51
N ALA B 64 44.62 18.97 -15.52
CA ALA B 64 44.46 20.24 -14.82
C ALA B 64 45.66 20.59 -13.92
N GLY B 65 46.55 19.63 -13.70
CA GLY B 65 47.74 19.82 -12.84
C GLY B 65 47.66 19.06 -11.52
N GLU B 66 46.54 18.37 -11.30
CA GLU B 66 46.28 17.71 -10.03
C GLU B 66 46.94 16.33 -10.00
N GLN B 67 47.18 15.82 -8.79
CA GLN B 67 47.84 14.52 -8.59
C GLN B 67 46.84 13.38 -8.45
N VAL B 68 46.96 12.38 -9.33
CA VAL B 68 46.16 11.16 -9.25
C VAL B 68 47.01 10.11 -8.54
N VAL B 69 46.39 9.36 -7.61
CA VAL B 69 47.10 8.33 -6.86
C VAL B 69 46.46 6.96 -7.09
N SER B 70 47.13 5.90 -6.62
CA SER B 70 46.73 4.52 -6.92
C SER B 70 45.70 3.91 -5.95
N SER B 71 45.37 4.62 -4.86
CA SER B 71 44.41 4.11 -3.85
C SER B 71 43.93 5.21 -2.88
N PRO B 72 42.86 4.92 -2.09
CA PRO B 72 42.47 5.80 -0.97
C PRO B 72 43.57 5.99 0.07
N ALA B 73 44.20 4.89 0.48
CA ALA B 73 45.33 4.95 1.41
C ALA B 73 46.38 5.97 0.95
N ASP B 74 46.66 5.97 -0.36
CA ASP B 74 47.64 6.90 -0.95
C ASP B 74 47.14 8.36 -1.03
N VAL B 75 45.82 8.55 -1.02
CA VAL B 75 45.27 9.88 -0.85
C VAL B 75 45.54 10.34 0.59
N ALA B 76 45.20 9.49 1.56
CA ALA B 76 45.38 9.79 2.99
C ALA B 76 46.83 10.09 3.35
N GLU B 77 47.76 9.40 2.71
CA GLU B 77 49.19 9.57 2.97
C GLU B 77 49.68 10.96 2.56
N LYS B 78 48.96 11.62 1.66
CA LYS B 78 49.36 12.94 1.17
C LYS B 78 48.37 14.07 1.51
N ALA B 79 47.14 13.74 1.94
CA ALA B 79 46.10 14.76 2.17
C ALA B 79 45.63 14.85 3.64
N ASP B 80 45.73 16.05 4.22
CA ASP B 80 45.31 16.29 5.61
C ASP B 80 43.78 16.25 5.81
N ARG B 81 43.00 16.60 4.77
CA ARG B 81 41.54 16.53 4.87
C ARG B 81 40.92 16.10 3.54
N ILE B 82 40.02 15.11 3.62
CA ILE B 82 39.53 14.36 2.46
C ILE B 82 38.01 14.37 2.36
N ILE B 83 37.52 14.32 1.11
CA ILE B 83 36.08 14.22 0.82
C ILE B 83 35.84 13.01 -0.03
N THR B 84 34.72 12.32 0.21
CA THR B 84 34.40 11.10 -0.52
C THR B 84 32.98 11.15 -1.08
N MET B 85 32.83 11.08 -2.41
CA MET B 85 31.50 11.12 -3.08
C MET B 85 31.25 9.83 -3.84
N LEU B 86 30.83 8.81 -3.10
CA LEU B 86 30.68 7.44 -3.61
C LEU B 86 29.18 7.05 -3.75
N PRO B 87 28.88 5.99 -4.52
CA PRO B 87 27.47 5.62 -4.74
C PRO B 87 26.71 5.20 -3.49
N THR B 88 27.18 4.18 -2.77
CA THR B 88 26.44 3.69 -1.60
C THR B 88 27.33 3.09 -0.51
N SER B 89 26.68 2.60 0.55
CA SER B 89 27.37 2.12 1.76
C SER B 89 28.60 1.24 1.51
N ILE B 90 28.46 0.12 0.78
CA ILE B 90 29.61 -0.77 0.54
C ILE B 90 30.83 -0.08 -0.08
N ASN B 91 30.56 0.92 -0.91
CA ASN B 91 31.61 1.71 -1.53
C ASN B 91 32.39 2.50 -0.47
N ALA B 92 31.68 3.16 0.44
CA ALA B 92 32.34 3.87 1.56
C ALA B 92 33.03 2.90 2.49
N ILE B 93 32.38 1.79 2.86
CA ILE B 93 33.05 0.79 3.71
C ILE B 93 34.38 0.35 3.08
N GLU B 94 34.35 0.06 1.79
CA GLU B 94 35.55 -0.34 1.07
C GLU B 94 36.57 0.81 0.99
N ALA B 95 36.16 1.98 0.50
CA ALA B 95 37.05 3.12 0.33
C ALA B 95 37.83 3.50 1.61
N TYR B 96 37.16 3.37 2.75
CA TYR B 96 37.75 3.71 4.05
C TYR B 96 38.47 2.52 4.70
N SER B 97 37.71 1.45 4.97
CA SER B 97 38.18 0.28 5.73
C SER B 97 38.91 -0.77 4.89
N GLY B 98 38.88 -0.63 3.56
CA GLY B 98 39.48 -1.60 2.66
C GLY B 98 40.98 -1.82 2.86
N ALA B 99 41.45 -2.92 2.29
CA ALA B 99 42.85 -3.33 2.42
C ALA B 99 43.80 -2.18 2.10
N ASN B 100 43.46 -1.41 1.08
CA ASN B 100 44.23 -0.22 0.72
C ASN B 100 43.34 1.02 0.89
N GLY B 101 42.61 1.05 2.00
CA GLY B 101 41.68 2.14 2.30
C GLY B 101 42.33 3.29 3.04
N ILE B 102 41.54 4.34 3.24
CA ILE B 102 42.03 5.58 3.87
C ILE B 102 42.61 5.34 5.26
N LEU B 103 41.88 4.57 6.06
CA LEU B 103 42.22 4.32 7.47
C LEU B 103 43.56 3.60 7.65
N LYS B 104 44.09 3.04 6.56
CA LYS B 104 45.41 2.42 6.59
C LYS B 104 46.54 3.46 6.67
N LYS B 105 46.34 4.67 6.17
CA LYS B 105 47.39 5.69 6.25
C LYS B 105 46.90 7.11 6.59
N VAL B 106 45.70 7.25 7.17
CA VAL B 106 45.20 8.57 7.61
C VAL B 106 46.02 9.10 8.77
N LYS B 107 46.28 10.42 8.78
CA LYS B 107 47.19 11.02 9.78
C LYS B 107 46.41 11.62 10.96
N LYS B 108 47.10 11.76 12.09
CA LYS B 108 46.55 12.36 13.31
C LYS B 108 45.78 13.66 12.98
N GLY B 109 44.64 13.86 13.62
CA GLY B 109 43.87 15.10 13.49
C GLY B 109 43.26 15.44 12.12
N SER B 110 43.22 14.46 11.21
CA SER B 110 42.68 14.66 9.84
C SER B 110 41.17 14.86 9.86
N LEU B 111 40.67 15.58 8.86
CA LEU B 111 39.22 15.75 8.67
C LEU B 111 38.71 14.94 7.47
N LEU B 112 37.98 13.88 7.74
CA LEU B 112 37.42 13.07 6.67
C LEU B 112 35.95 13.42 6.54
N ILE B 113 35.50 13.75 5.34
CA ILE B 113 34.10 14.08 5.10
C ILE B 113 33.50 13.17 4.02
N ASP B 114 32.46 12.45 4.38
CA ASP B 114 31.76 11.61 3.43
C ASP B 114 30.50 12.31 3.00
N SER B 115 30.47 12.77 1.75
CA SER B 115 29.26 13.38 1.17
C SER B 115 28.48 12.41 0.31
N SER B 116 28.82 11.14 0.36
CA SER B 116 27.96 10.11 -0.20
C SER B 116 26.61 10.06 0.56
N THR B 117 25.57 9.50 -0.07
CA THR B 117 24.31 9.20 0.64
C THR B 117 24.33 7.71 1.00
N ILE B 118 24.48 7.40 2.27
CA ILE B 118 24.58 6.01 2.73
C ILE B 118 23.79 5.81 4.02
N ASP B 119 23.75 4.58 4.47
CA ASP B 119 23.09 4.25 5.72
C ASP B 119 23.74 5.03 6.88
N PRO B 120 22.91 5.70 7.73
CA PRO B 120 23.46 6.38 8.92
C PRO B 120 24.22 5.45 9.85
N ALA B 121 23.68 4.26 10.10
CA ALA B 121 24.35 3.26 10.90
C ALA B 121 25.79 3.03 10.41
N VAL B 122 25.99 3.00 9.09
CA VAL B 122 27.32 2.82 8.52
C VAL B 122 28.18 4.05 8.74
N SER B 123 27.58 5.22 8.69
CA SER B 123 28.30 6.44 9.02
C SER B 123 28.87 6.39 10.45
N LYS B 124 28.04 6.00 11.42
CA LYS B 124 28.51 5.91 12.81
C LYS B 124 29.66 4.89 12.92
N GLU B 125 29.50 3.73 12.26
CA GLU B 125 30.54 2.69 12.27
C GLU B 125 31.88 3.22 11.76
N LEU B 126 31.86 3.93 10.63
CA LEU B 126 33.05 4.57 10.11
C LEU B 126 33.57 5.62 11.10
N ALA B 127 32.68 6.43 11.66
CA ALA B 127 33.06 7.45 12.65
C ALA B 127 33.81 6.84 13.83
N LYS B 128 33.33 5.70 14.34
CA LYS B 128 34.03 5.01 15.42
C LYS B 128 35.43 4.58 14.97
N GLU B 129 35.54 4.05 13.76
CA GLU B 129 36.85 3.59 13.25
C GLU B 129 37.79 4.74 12.90
N VAL B 130 37.26 5.90 12.49
CA VAL B 130 38.11 7.07 12.23
C VAL B 130 38.59 7.69 13.54
N GLU B 131 37.66 7.84 14.48
CA GLU B 131 38.01 8.43 15.79
C GLU B 131 38.94 7.53 16.61
N LYS B 132 38.91 6.22 16.33
CA LYS B 132 39.92 5.26 16.86
C LYS B 132 41.33 5.63 16.36
N MET B 133 41.40 6.09 15.11
CA MET B 133 42.65 6.52 14.46
C MET B 133 43.08 7.95 14.80
N GLY B 134 42.32 8.64 15.65
CA GLY B 134 42.65 10.01 16.02
C GLY B 134 42.36 11.03 14.93
N ALA B 135 41.33 10.77 14.12
CA ALA B 135 40.90 11.70 13.10
C ALA B 135 39.47 12.10 13.42
N VAL B 136 38.91 12.98 12.61
CA VAL B 136 37.50 13.34 12.74
C VAL B 136 36.76 12.95 11.46
N PHE B 137 35.56 12.40 11.63
CA PHE B 137 34.69 12.00 10.53
C PHE B 137 33.38 12.77 10.59
N MET B 138 32.86 13.12 9.42
CA MET B 138 31.59 13.84 9.34
C MET B 138 30.80 13.45 8.10
N ASP B 139 29.58 12.96 8.29
CA ASP B 139 28.67 12.73 7.16
C ASP B 139 28.16 14.08 6.65
N ALA B 140 28.21 14.27 5.34
CA ALA B 140 27.79 15.52 4.72
C ALA B 140 27.13 15.28 3.36
N PRO B 141 26.05 14.48 3.33
CA PRO B 141 25.30 14.27 2.08
C PRO B 141 24.71 15.57 1.54
N VAL B 142 24.33 15.55 0.27
CA VAL B 142 24.00 16.80 -0.45
C VAL B 142 22.59 16.81 -1.05
N SER B 143 21.96 17.99 -1.02
CA SER B 143 20.70 18.25 -1.72
C SER B 143 21.02 19.16 -2.91
N GLY B 144 20.31 18.93 -4.01
CA GLY B 144 20.62 19.57 -5.30
C GLY B 144 21.33 18.58 -6.20
N GLY B 145 21.14 18.72 -7.52
CA GLY B 145 21.67 17.77 -8.49
C GLY B 145 22.93 18.23 -9.21
N VAL B 146 23.15 17.70 -10.42
CA VAL B 146 24.37 17.99 -11.17
C VAL B 146 24.52 19.49 -11.44
N GLY B 147 23.39 20.18 -11.64
CA GLY B 147 23.39 21.62 -11.85
C GLY B 147 23.91 22.39 -10.65
N ALA B 148 23.28 22.20 -9.49
CA ALA B 148 23.70 22.85 -8.25
C ALA B 148 25.16 22.51 -7.91
N ALA B 149 25.58 21.27 -8.20
CA ALA B 149 26.96 20.84 -8.05
C ALA B 149 27.96 21.75 -8.82
N ARG B 150 27.64 22.04 -10.08
CA ARG B 150 28.48 22.86 -10.92
C ARG B 150 28.51 24.32 -10.44
N SER B 151 27.32 24.93 -10.29
CA SER B 151 27.19 26.31 -9.84
C SER B 151 27.72 26.53 -8.42
N GLY B 152 27.62 25.50 -7.60
CA GLY B 152 28.09 25.56 -6.22
C GLY B 152 26.99 25.94 -5.23
N ASN B 153 25.73 25.66 -5.57
CA ASN B 153 24.58 25.99 -4.71
C ASN B 153 23.96 24.78 -4.00
N LEU B 154 24.74 23.71 -3.86
CA LEU B 154 24.28 22.51 -3.15
C LEU B 154 24.03 22.83 -1.67
N THR B 155 23.11 22.07 -1.07
CA THR B 155 22.93 22.10 0.37
C THR B 155 23.63 20.90 0.96
N PHE B 156 24.45 21.14 1.99
CA PHE B 156 25.14 20.10 2.71
C PHE B 156 24.48 19.91 4.07
N MET B 157 24.12 18.67 4.37
CA MET B 157 23.54 18.31 5.66
C MET B 157 24.62 17.60 6.47
N VAL B 158 25.05 18.23 7.54
CA VAL B 158 26.27 17.82 8.21
C VAL B 158 26.00 17.23 9.59
N GLY B 159 26.58 16.07 9.86
CA GLY B 159 26.50 15.44 11.16
C GLY B 159 27.90 15.15 11.69
N GLY B 160 28.06 15.20 13.01
CA GLY B 160 29.35 14.93 13.64
C GLY B 160 29.57 15.80 14.85
N VAL B 161 30.77 15.74 15.42
CA VAL B 161 31.08 16.54 16.61
C VAL B 161 30.96 18.01 16.24
N GLU B 162 30.09 18.73 16.96
CA GLU B 162 29.77 20.11 16.58
C GLU B 162 30.97 21.07 16.57
N ASP B 163 31.97 20.83 17.43
CA ASP B 163 33.20 21.65 17.42
C ASP B 163 33.81 21.72 16.02
N GLU B 164 33.82 20.58 15.34
CA GLU B 164 34.44 20.44 14.02
C GLU B 164 33.61 21.04 12.88
N PHE B 165 32.37 21.44 13.16
CA PHE B 165 31.51 21.98 12.12
C PHE B 165 32.09 23.25 11.49
N ALA B 166 32.66 24.12 12.32
CA ALA B 166 33.29 25.33 11.82
C ALA B 166 34.22 24.99 10.66
N ALA B 167 35.19 24.12 10.96
CA ALA B 167 36.20 23.66 9.98
C ALA B 167 35.57 23.13 8.69
N ALA B 168 34.58 22.27 8.82
CA ALA B 168 33.94 21.67 7.66
C ALA B 168 33.19 22.70 6.80
N GLN B 169 32.66 23.73 7.44
CA GLN B 169 31.92 24.76 6.74
C GLN B 169 32.86 25.49 5.80
N GLU B 170 34.05 25.79 6.29
CA GLU B 170 35.09 26.47 5.49
C GLU B 170 35.29 25.70 4.18
N LEU B 171 35.36 24.37 4.27
CA LEU B 171 35.68 23.55 3.11
C LEU B 171 34.47 23.30 2.21
N LEU B 172 33.35 22.94 2.83
CA LEU B 172 32.13 22.62 2.08
C LEU B 172 31.50 23.83 1.38
N GLY B 173 31.71 25.03 1.94
CA GLY B 173 31.19 26.28 1.36
C GLY B 173 31.68 26.58 -0.04
N CYS B 174 32.80 25.99 -0.42
CA CYS B 174 33.34 26.09 -1.77
C CYS B 174 32.49 25.39 -2.79
N MET B 175 31.88 24.28 -2.37
CA MET B 175 31.09 23.43 -3.25
C MET B 175 29.60 23.73 -3.14
N GLY B 176 29.21 24.39 -2.05
CA GLY B 176 27.80 24.60 -1.73
C GLY B 176 27.47 25.95 -1.08
N SER B 177 26.19 26.34 -1.20
CA SER B 177 25.68 27.63 -0.69
C SER B 177 25.01 27.54 0.68
N ASN B 178 24.57 26.34 1.06
CA ASN B 178 23.97 26.10 2.37
C ASN B 178 24.66 24.93 3.06
N VAL B 179 25.14 25.15 4.27
CA VAL B 179 25.76 24.10 5.06
C VAL B 179 25.14 24.07 6.45
N VAL B 180 24.34 23.04 6.72
CA VAL B 180 23.51 22.99 7.91
C VAL B 180 23.94 21.89 8.88
N TYR B 181 24.10 22.25 10.15
CA TYR B 181 24.46 21.27 11.16
C TYR B 181 23.20 20.50 11.58
N CYS B 182 23.27 19.17 11.53
CA CYS B 182 22.10 18.30 11.80
C CYS B 182 22.11 17.57 13.16
N GLY B 183 23.26 17.56 13.83
CA GLY B 183 23.43 16.83 15.08
C GLY B 183 24.60 15.87 14.98
N ALA B 184 24.54 14.76 15.72
CA ALA B 184 25.67 13.82 15.81
C ALA B 184 25.85 13.05 14.49
N VAL B 185 26.95 12.31 14.37
CA VAL B 185 27.27 11.57 13.15
C VAL B 185 26.10 10.69 12.82
N GLY B 186 25.63 10.77 11.58
CA GLY B 186 24.48 9.99 11.12
C GLY B 186 23.28 10.87 10.87
N THR B 187 23.23 12.03 11.52
CA THR B 187 22.06 12.93 11.39
C THR B 187 21.93 13.53 9.99
N GLY B 188 23.08 13.74 9.34
CA GLY B 188 23.08 14.25 7.98
C GLY B 188 22.43 13.29 7.02
N GLN B 189 22.83 12.02 7.08
CA GLN B 189 22.23 10.99 6.26
C GLN B 189 20.73 10.89 6.55
N ALA B 190 20.36 10.94 7.83
CA ALA B 190 18.96 10.80 8.24
C ALA B 190 18.10 11.92 7.69
N ALA B 191 18.65 13.14 7.73
CA ALA B 191 17.96 14.27 7.14
C ALA B 191 17.84 14.05 5.63
N LYS B 192 18.92 13.72 4.92
CA LYS B 192 18.80 13.48 3.47
C LYS B 192 17.72 12.44 3.18
N ILE B 193 17.83 11.29 3.84
CA ILE B 193 16.95 10.17 3.58
C ILE B 193 15.46 10.51 3.83
N CYS B 194 15.18 11.29 4.87
CA CYS B 194 13.81 11.67 5.18
C CYS B 194 13.22 12.62 4.14
N ASN B 195 13.99 13.61 3.71
CA ASN B 195 13.49 14.52 2.68
C ASN B 195 13.18 13.78 1.38
N ASN B 196 14.09 12.94 0.92
CA ASN B 196 13.85 12.17 -0.30
C ASN B 196 12.61 11.30 -0.20
N MET B 197 12.37 10.72 0.97
CA MET B 197 11.15 9.93 1.13
C MET B 197 9.91 10.81 0.97
N LEU B 198 9.89 11.96 1.65
CA LEU B 198 8.77 12.88 1.50
C LEU B 198 8.62 13.30 0.04
N LEU B 199 9.74 13.64 -0.60
CA LEU B 199 9.71 14.01 -2.01
C LEU B 199 9.12 12.91 -2.82
N ALA B 200 9.64 11.71 -2.63
CA ALA B 200 9.18 10.55 -3.38
C ALA B 200 7.68 10.42 -3.25
N ILE B 201 7.19 10.55 -2.02
CA ILE B 201 5.77 10.39 -1.74
C ILE B 201 4.98 11.49 -2.40
N SER B 202 5.40 12.74 -2.22
CA SER B 202 4.66 13.85 -2.77
C SER B 202 4.60 13.83 -4.31
N MET B 203 5.68 13.39 -4.94
CA MET B 203 5.79 13.33 -6.40
C MET B 203 4.89 12.28 -6.96
N ILE B 204 4.86 11.10 -6.33
CA ILE B 204 3.95 10.06 -6.78
C ILE B 204 2.52 10.52 -6.57
N GLY B 205 2.28 11.22 -5.47
CA GLY B 205 0.98 11.81 -5.18
C GLY B 205 0.52 12.83 -6.21
N THR B 206 1.38 13.79 -6.53
CA THR B 206 1.07 14.74 -7.59
C THR B 206 0.75 14.04 -8.90
N ALA B 207 1.56 13.05 -9.27
CA ALA B 207 1.35 12.26 -10.48
C ALA B 207 -0.02 11.66 -10.46
N GLU B 208 -0.45 11.12 -9.31
CA GLU B 208 -1.77 10.49 -9.18
C GLU B 208 -2.93 11.52 -9.18
N ALA B 209 -2.80 12.61 -8.44
CA ALA B 209 -3.85 13.61 -8.43
C ALA B 209 -4.00 14.14 -9.82
N MET B 210 -2.85 14.34 -10.47
CA MET B 210 -2.86 14.91 -11.82
C MET B 210 -3.51 13.93 -12.79
N ASN B 211 -3.20 12.65 -12.67
CA ASN B 211 -3.72 11.70 -13.58
C ASN B 211 -5.22 11.54 -13.39
N LEU B 212 -5.66 11.54 -12.14
CA LEU B 212 -7.07 11.33 -11.84
C LEU B 212 -7.86 12.50 -12.37
N GLY B 213 -7.37 13.69 -12.13
CA GLY B 213 -8.05 14.89 -12.61
C GLY B 213 -8.18 14.97 -14.12
N ILE B 214 -7.09 14.65 -14.82
CA ILE B 214 -7.11 14.69 -16.27
C ILE B 214 -8.16 13.68 -16.74
N ARG B 215 -8.18 12.51 -16.13
CA ARG B 215 -9.17 11.49 -16.50
C ARG B 215 -10.62 11.83 -16.07
N LEU B 216 -10.76 12.80 -15.19
CA LEU B 216 -12.06 13.31 -14.75
C LEU B 216 -12.49 14.50 -15.61
N GLY B 217 -11.65 14.88 -16.57
CA GLY B 217 -11.98 15.95 -17.53
C GLY B 217 -11.25 17.27 -17.36
N LEU B 218 -10.50 17.46 -16.29
CA LEU B 218 -9.81 18.71 -16.06
C LEU B 218 -8.66 18.98 -17.04
N ASP B 219 -8.43 20.25 -17.35
CA ASP B 219 -7.23 20.66 -18.06
C ASP B 219 -6.08 20.72 -17.07
N PRO B 220 -5.01 19.96 -17.34
CA PRO B 220 -3.83 19.89 -16.45
C PRO B 220 -3.30 21.23 -15.97
N LYS B 221 -3.20 22.19 -16.88
CA LYS B 221 -2.65 23.49 -16.54
C LYS B 221 -3.47 24.11 -15.39
N LEU B 222 -4.79 23.94 -15.44
CA LEU B 222 -5.68 24.50 -14.42
C LEU B 222 -5.63 23.71 -13.11
N LEU B 223 -5.71 22.40 -13.21
CA LEU B 223 -5.58 21.57 -12.03
C LEU B 223 -4.30 21.91 -11.26
N ALA B 224 -3.19 22.02 -12.00
CA ALA B 224 -1.89 22.41 -11.43
C ALA B 224 -1.97 23.77 -10.78
N LYS B 225 -2.74 24.67 -11.36
CA LYS B 225 -2.97 25.98 -10.77
C LYS B 225 -3.69 25.77 -9.46
N ILE B 226 -4.81 25.04 -9.50
CA ILE B 226 -5.60 24.85 -8.28
C ILE B 226 -4.80 24.19 -7.16
N LEU B 227 -4.13 23.08 -7.43
CA LEU B 227 -3.19 22.51 -6.45
C LEU B 227 -2.26 23.59 -5.89
N ASN B 228 -1.63 24.37 -6.75
CA ASN B 228 -0.52 25.23 -6.33
C ASN B 228 -0.90 26.49 -5.53
N MET B 229 -2.20 26.74 -5.41
CA MET B 229 -2.73 27.80 -4.55
C MET B 229 -3.53 27.26 -3.36
N SER B 230 -3.62 25.94 -3.24
CA SER B 230 -4.43 25.29 -2.23
C SER B 230 -3.55 24.46 -1.30
N SER B 231 -4.19 23.68 -0.43
CA SER B 231 -3.51 22.82 0.55
C SER B 231 -2.68 21.71 -0.06
N GLY B 232 -2.98 21.32 -1.30
CA GLY B 232 -2.18 20.31 -2.05
C GLY B 232 -0.79 20.75 -2.47
N ARG B 233 -0.52 22.05 -2.51
CA ARG B 233 0.74 22.55 -3.03
C ARG B 233 1.96 21.84 -2.46
N CYS B 234 2.88 21.43 -3.33
CA CYS B 234 4.22 21.01 -2.91
C CYS B 234 5.26 21.30 -3.98
N TRP B 235 6.52 21.06 -3.66
CA TRP B 235 7.64 21.31 -4.54
C TRP B 235 7.53 20.48 -5.82
N SER B 236 7.06 19.26 -5.69
CA SER B 236 6.72 18.47 -6.87
C SER B 236 5.69 19.15 -7.79
N SER B 237 4.61 19.69 -7.24
CA SER B 237 3.58 20.25 -8.09
C SER B 237 3.93 21.64 -8.64
N ASP B 238 4.75 22.41 -7.90
CA ASP B 238 4.95 23.79 -8.27
C ASP B 238 6.36 24.08 -8.79
N THR B 239 7.30 23.17 -8.58
CA THR B 239 8.68 23.39 -9.02
C THR B 239 9.20 22.23 -9.90
N TYR B 240 8.44 21.17 -10.09
CA TYR B 240 9.01 20.02 -10.78
C TYR B 240 7.92 19.18 -11.40
N ASN B 241 6.94 19.87 -11.97
CA ASN B 241 5.69 19.24 -12.28
C ASN B 241 5.86 18.14 -13.32
N PRO B 242 5.38 16.93 -12.98
CA PRO B 242 5.62 15.74 -13.78
C PRO B 242 4.72 15.56 -15.00
N VAL B 243 3.72 16.40 -15.20
CA VAL B 243 2.91 16.29 -16.41
C VAL B 243 3.53 17.15 -17.50
N PRO B 244 3.91 16.56 -18.63
CA PRO B 244 4.38 17.32 -19.80
C PRO B 244 3.38 18.39 -20.22
N GLY B 245 3.88 19.57 -20.55
CA GLY B 245 3.05 20.66 -21.03
C GLY B 245 2.50 21.59 -19.95
N VAL B 246 2.89 21.36 -18.69
CA VAL B 246 2.37 22.11 -17.55
C VAL B 246 3.36 23.18 -17.11
N MET B 247 4.61 22.76 -16.90
CA MET B 247 5.71 23.64 -16.47
C MET B 247 6.83 23.56 -17.49
N ASP B 248 7.39 24.72 -17.87
CA ASP B 248 8.57 24.79 -18.71
C ASP B 248 9.80 24.70 -17.80
N GLY B 249 10.87 24.10 -18.32
CA GLY B 249 12.15 24.03 -17.62
C GLY B 249 12.39 22.78 -16.80
N VAL B 250 11.40 21.92 -16.68
CA VAL B 250 11.53 20.71 -15.83
C VAL B 250 11.72 19.46 -16.69
N PRO B 251 12.24 18.37 -16.11
CA PRO B 251 12.40 17.16 -16.91
C PRO B 251 11.16 16.67 -17.69
N SER B 252 9.95 17.03 -17.24
CA SER B 252 8.71 16.64 -17.94
C SER B 252 8.59 17.36 -19.27
N ALA B 253 9.18 18.54 -19.35
CA ALA B 253 9.23 19.29 -20.61
C ALA B 253 10.13 18.61 -21.65
N ASN B 254 11.03 17.73 -21.20
CA ASN B 254 12.12 17.20 -22.03
C ASN B 254 12.26 15.66 -21.98
N ASN B 255 11.14 14.94 -22.06
CA ASN B 255 11.14 13.47 -22.03
C ASN B 255 11.71 12.83 -20.78
N TYR B 256 11.71 13.57 -19.67
CA TYR B 256 12.29 13.12 -18.42
C TYR B 256 13.75 12.72 -18.54
N GLN B 257 14.50 13.42 -19.40
CA GLN B 257 15.94 13.20 -19.55
C GLN B 257 16.69 13.84 -18.40
N GLY B 258 17.88 13.33 -18.16
CA GLY B 258 18.73 13.75 -17.05
C GLY B 258 17.98 13.69 -15.73
N GLY B 259 18.00 14.84 -15.05
CA GLY B 259 17.30 15.04 -13.80
C GLY B 259 17.98 14.31 -12.67
N PHE B 260 17.17 13.86 -11.72
CA PHE B 260 17.59 12.98 -10.66
C PHE B 260 17.06 11.59 -11.03
N GLY B 261 17.97 10.64 -11.14
CA GLY B 261 17.68 9.36 -11.77
C GLY B 261 16.79 8.46 -10.95
N THR B 262 15.86 7.78 -11.64
CA THR B 262 15.04 6.81 -11.00
C THR B 262 15.90 5.82 -10.19
N THR B 263 17.03 5.36 -10.74
CA THR B 263 17.89 4.43 -10.01
C THR B 263 18.24 5.00 -8.62
N LEU B 264 18.56 6.27 -8.58
CA LEU B 264 19.03 6.89 -7.35
C LEU B 264 17.89 7.14 -6.41
N MET B 265 16.74 7.49 -6.95
CA MET B 265 15.59 7.67 -6.09
C MET B 265 15.40 6.35 -5.37
N ALA B 266 15.45 5.26 -6.15
CA ALA B 266 15.18 3.93 -5.61
C ALA B 266 16.22 3.58 -4.56
N LYS B 267 17.48 3.94 -4.81
CA LYS B 267 18.53 3.61 -3.85
C LYS B 267 18.18 4.29 -2.53
N ASP B 268 18.02 5.61 -2.57
CA ASP B 268 17.70 6.44 -1.39
C ASP B 268 16.44 5.96 -0.66
N LEU B 269 15.42 5.60 -1.43
CA LEU B 269 14.22 5.03 -0.84
C LEU B 269 14.54 3.74 -0.11
N GLY B 270 15.52 3.00 -0.65
CA GLY B 270 15.89 1.71 -0.08
C GLY B 270 16.54 1.90 1.25
N LEU B 271 17.27 3.00 1.37
CA LEU B 271 17.92 3.36 2.61
C LEU B 271 16.83 3.73 3.62
N ALA B 272 15.81 4.45 3.16
CA ALA B 272 14.72 4.83 4.06
C ALA B 272 14.07 3.56 4.57
N GLN B 273 13.88 2.57 3.68
CA GLN B 273 13.26 1.30 4.11
C GLN B 273 14.18 0.62 5.15
N ASP B 274 15.49 0.59 4.91
CA ASP B 274 16.39 -0.06 5.87
C ASP B 274 16.30 0.62 7.27
N SER B 275 16.28 1.95 7.28
CA SER B 275 16.25 2.70 8.51
C SER B 275 14.89 2.66 9.20
N ALA B 276 13.82 2.59 8.40
CA ALA B 276 12.46 2.48 8.94
C ALA B 276 12.37 1.20 9.74
N THR B 277 12.83 0.12 9.12
CA THR B 277 12.73 -1.19 9.75
C THR B 277 13.55 -1.29 11.03
N SER B 278 14.80 -0.87 10.95
CA SER B 278 15.69 -0.94 12.12
C SER B 278 15.24 -0.06 13.31
N THR B 279 14.59 1.07 13.05
CA THR B 279 14.14 1.98 14.11
C THR B 279 12.65 1.75 14.38
N LYS B 280 12.11 0.66 13.80
CA LYS B 280 10.71 0.25 13.95
C LYS B 280 9.75 1.40 13.75
N SER B 281 9.96 2.12 12.64
CA SER B 281 9.15 3.28 12.24
C SER B 281 8.21 2.90 11.10
N PRO B 282 6.89 3.00 11.30
CA PRO B 282 5.99 2.58 10.23
C PRO B 282 5.94 3.64 9.17
N ILE B 283 6.30 3.25 7.96
CA ILE B 283 6.17 4.15 6.82
C ILE B 283 5.24 3.53 5.74
N LEU B 284 3.92 3.73 5.84
CA LEU B 284 3.03 3.05 4.89
C LEU B 284 3.23 3.57 3.48
N LEU B 285 3.01 4.86 3.30
CA LEU B 285 3.18 5.50 2.03
C LEU B 285 4.65 5.38 1.54
N GLY B 286 5.61 5.62 2.42
CA GLY B 286 7.04 5.46 2.03
C GLY B 286 7.43 4.08 1.48
N SER B 287 7.00 3.02 2.13
CA SER B 287 7.27 1.67 1.65
C SER B 287 6.79 1.50 0.21
N LEU B 288 5.58 1.99 -0.05
CA LEU B 288 4.98 1.85 -1.37
C LEU B 288 5.67 2.71 -2.37
N ALA B 289 6.09 3.89 -1.93
CA ALA B 289 6.91 4.72 -2.81
C ALA B 289 8.12 3.90 -3.22
N HIS B 290 8.83 3.34 -2.24
CA HIS B 290 9.99 2.46 -2.52
C HIS B 290 9.73 1.37 -3.53
N GLN B 291 8.59 0.67 -3.41
CA GLN B 291 8.26 -0.44 -4.33
C GLN B 291 7.88 0.07 -5.70
N ILE B 292 7.23 1.23 -5.77
CA ILE B 292 6.86 1.78 -7.07
C ILE B 292 8.16 2.13 -7.80
N TYR B 293 9.05 2.85 -7.15
CA TYR B 293 10.31 3.18 -7.82
C TYR B 293 11.14 1.92 -8.16
N ARG B 294 11.05 0.90 -7.31
CA ARG B 294 11.77 -0.31 -7.57
C ARG B 294 11.22 -0.97 -8.80
N MET B 295 9.88 -0.91 -8.97
CA MET B 295 9.23 -1.45 -10.17
C MET B 295 9.66 -0.69 -11.41
N MET B 296 9.67 0.62 -11.30
CA MET B 296 10.07 1.44 -12.41
C MET B 296 11.48 1.08 -12.96
N CYS B 297 12.42 0.76 -12.07
CA CYS B 297 13.80 0.43 -12.47
C CYS B 297 13.89 -0.84 -13.24
N ALA B 298 13.08 -1.80 -12.87
CA ALA B 298 13.02 -3.06 -13.59
C ALA B 298 12.29 -2.90 -14.91
N LYS B 299 11.66 -1.75 -15.14
CA LYS B 299 10.77 -1.58 -16.27
C LYS B 299 11.15 -0.43 -17.23
N GLY B 300 12.44 -0.06 -17.23
CA GLY B 300 12.99 0.83 -18.25
C GLY B 300 12.94 2.31 -17.94
N TYR B 301 12.75 2.64 -16.66
CA TYR B 301 12.73 4.02 -16.20
C TYR B 301 13.99 4.38 -15.43
N SER B 302 14.91 3.42 -15.28
CA SER B 302 16.10 3.59 -14.39
C SER B 302 16.99 4.76 -14.72
N LYS B 303 17.11 5.10 -16.01
CA LYS B 303 17.94 6.26 -16.42
C LYS B 303 17.12 7.56 -16.57
N LYS B 304 15.78 7.43 -16.54
CA LYS B 304 14.88 8.59 -16.59
C LYS B 304 14.78 9.25 -15.23
N ASP B 305 14.48 10.55 -15.25
CA ASP B 305 14.18 11.33 -14.04
C ASP B 305 13.03 10.69 -13.24
N PHE B 306 13.12 10.78 -11.91
CA PHE B 306 12.12 10.17 -11.00
C PHE B 306 10.70 10.69 -11.15
N SER B 307 10.54 11.88 -11.72
CA SER B 307 9.24 12.44 -11.99
C SER B 307 8.51 11.71 -13.11
N SER B 308 9.22 10.83 -13.80
CA SER B 308 8.59 10.02 -14.85
C SER B 308 7.65 8.96 -14.30
N VAL B 309 7.46 8.95 -12.97
CA VAL B 309 6.41 8.17 -12.33
C VAL B 309 5.00 8.43 -12.91
N PHE B 310 4.76 9.65 -13.38
CA PHE B 310 3.53 9.99 -14.08
C PHE B 310 3.34 9.19 -15.36
N GLN B 311 4.43 9.07 -16.13
CA GLN B 311 4.42 8.26 -17.36
C GLN B 311 4.07 6.81 -17.04
N PHE B 312 4.67 6.30 -15.96
CA PHE B 312 4.46 4.96 -15.49
C PHE B 312 2.99 4.74 -15.11
N LEU B 313 2.32 5.75 -14.56
CA LEU B 313 0.90 5.59 -14.13
C LEU B 313 -0.07 5.67 -15.28
N ARG B 314 0.36 6.33 -16.33
CA ARG B 314 -0.50 6.80 -17.38
C ARG B 314 -0.73 5.68 -18.36
N GLU B 315 -1.98 5.49 -18.77
CA GLU B 315 -2.43 4.30 -19.51
C GLU B 315 -1.71 4.14 -20.86
N GLU B 316 -1.47 2.91 -21.27
CA GLU B 316 -0.95 2.59 -22.61
C GLU B 316 -2.12 2.25 -23.52
N GLU B 317 -1.98 2.61 -24.80
CA GLU B 317 -3.00 2.37 -25.83
C GLU B 317 -2.97 0.92 -26.32
N THR B 318 -4.11 0.44 -26.83
CA THR B 318 -4.22 -0.89 -27.43
C THR B 318 -4.76 -0.83 -28.86
N MET C 23 26.53 -39.42 23.32
CA MET C 23 27.30 -38.53 22.40
C MET C 23 26.68 -37.11 22.43
N PRO C 24 27.31 -36.16 23.14
CA PRO C 24 26.69 -34.87 23.54
C PRO C 24 26.24 -33.93 22.42
N VAL C 25 25.14 -33.22 22.67
CA VAL C 25 24.60 -32.22 21.78
C VAL C 25 24.49 -30.88 22.51
N GLY C 26 24.96 -29.80 21.86
CA GLY C 26 24.92 -28.46 22.45
C GLY C 26 23.68 -27.72 22.05
N PHE C 27 23.05 -27.06 23.03
CA PHE C 27 21.84 -26.26 22.78
C PHE C 27 21.94 -24.86 23.38
N ILE C 28 21.90 -23.85 22.52
CA ILE C 28 22.01 -22.45 22.94
C ILE C 28 20.69 -21.74 22.66
N GLY C 29 20.04 -21.27 23.71
CA GLY C 29 18.79 -20.52 23.59
C GLY C 29 17.56 -21.39 23.79
N LEU C 30 16.92 -21.26 24.96
CA LEU C 30 15.83 -22.17 25.37
C LEU C 30 14.56 -21.43 25.78
N GLY C 31 14.01 -20.71 24.81
CA GLY C 31 12.73 -20.04 24.99
C GLY C 31 11.58 -20.91 24.53
N ASN C 32 10.61 -20.27 23.87
CA ASN C 32 9.34 -20.92 23.53
C ASN C 32 9.47 -22.11 22.60
N MET C 33 10.33 -21.97 21.60
CA MET C 33 10.63 -23.07 20.69
C MET C 33 11.80 -23.88 21.22
N GLY C 34 12.79 -23.21 21.81
CA GLY C 34 14.01 -23.89 22.30
C GLY C 34 13.78 -24.89 23.41
N ASN C 35 12.97 -24.53 24.40
CA ASN C 35 12.65 -25.38 25.53
C ASN C 35 12.12 -26.75 25.08
N PRO C 36 10.97 -26.77 24.35
CA PRO C 36 10.43 -28.04 23.90
C PRO C 36 11.30 -28.78 22.88
N MET C 37 11.96 -28.05 22.00
CA MET C 37 12.93 -28.65 21.06
C MET C 37 14.01 -29.39 21.85
N ALA C 38 14.62 -28.72 22.82
CA ALA C 38 15.65 -29.30 23.68
C ALA C 38 15.13 -30.52 24.43
N LYS C 39 13.88 -30.47 24.88
CA LYS C 39 13.27 -31.60 25.58
C LYS C 39 13.11 -32.82 24.69
N ASN C 40 12.71 -32.63 23.43
CA ASN C 40 12.54 -33.76 22.51
C ASN C 40 13.88 -34.46 22.18
N LEU C 41 14.98 -33.71 22.18
CA LEU C 41 16.32 -34.32 22.06
C LEU C 41 16.65 -35.20 23.28
N MET C 42 16.15 -34.83 24.46
CA MET C 42 16.28 -35.69 25.65
C MET C 42 15.40 -36.92 25.52
N LYS C 43 14.21 -36.77 24.94
CA LYS C 43 13.31 -37.89 24.73
C LYS C 43 13.94 -38.95 23.83
N HIS C 44 14.67 -38.51 22.80
CA HIS C 44 15.38 -39.46 21.91
C HIS C 44 16.72 -39.91 22.50
N GLY C 45 17.14 -39.30 23.61
CA GLY C 45 18.22 -39.84 24.45
C GLY C 45 19.56 -39.19 24.18
N TYR C 46 19.57 -37.87 24.10
CA TYR C 46 20.81 -37.10 23.91
C TYR C 46 21.17 -36.35 25.19
N PRO C 47 22.44 -36.43 25.61
CA PRO C 47 22.90 -35.55 26.68
C PRO C 47 23.05 -34.13 26.13
N LEU C 48 22.51 -33.14 26.85
CA LEU C 48 22.56 -31.73 26.40
C LEU C 48 23.56 -30.89 27.19
N ILE C 49 24.24 -29.99 26.49
CA ILE C 49 25.09 -28.96 27.10
C ILE C 49 24.42 -27.61 26.89
N ILE C 50 23.71 -27.15 27.92
CA ILE C 50 22.79 -26.01 27.81
C ILE C 50 23.51 -24.67 28.07
N TYR C 51 23.08 -23.64 27.35
CA TYR C 51 23.44 -22.27 27.68
C TYR C 51 22.33 -21.29 27.23
N ASP C 52 22.07 -20.28 28.07
CA ASP C 52 21.12 -19.20 27.77
C ASP C 52 21.51 -17.94 28.56
N VAL C 53 21.49 -16.78 27.89
CA VAL C 53 21.81 -15.51 28.54
C VAL C 53 20.81 -15.15 29.66
N PHE C 54 19.59 -15.67 29.59
CA PHE C 54 18.64 -15.58 30.71
C PHE C 54 18.76 -16.87 31.51
N PRO C 55 19.38 -16.79 32.71
CA PRO C 55 19.81 -17.99 33.42
C PRO C 55 18.65 -18.78 34.03
N ASP C 56 17.57 -18.10 34.39
CA ASP C 56 16.38 -18.75 34.91
C ASP C 56 15.86 -19.80 33.91
N ALA C 57 15.92 -19.46 32.63
CA ALA C 57 15.54 -20.38 31.54
C ALA C 57 16.26 -21.74 31.57
N CYS C 58 17.46 -21.78 32.17
CA CYS C 58 18.23 -23.02 32.26
C CYS C 58 17.84 -23.88 33.46
N LYS C 59 17.38 -23.24 34.54
CA LYS C 59 17.18 -23.92 35.83
C LYS C 59 16.51 -25.30 35.70
N GLU C 60 15.53 -25.39 34.81
CA GLU C 60 14.77 -26.61 34.57
C GLU C 60 15.63 -27.77 34.04
N PHE C 61 16.69 -27.44 33.30
CA PHE C 61 17.55 -28.46 32.67
C PHE C 61 18.69 -28.97 33.59
N GLN C 62 19.18 -28.11 34.48
CA GLN C 62 20.15 -28.53 35.48
C GLN C 62 19.52 -29.58 36.40
N ASP C 63 18.20 -29.55 36.54
CA ASP C 63 17.44 -30.55 37.31
C ASP C 63 17.31 -31.88 36.59
N ALA C 64 17.17 -31.82 35.27
CA ALA C 64 16.99 -33.02 34.45
C ALA C 64 18.27 -33.86 34.35
N GLY C 65 19.40 -33.32 34.82
CA GLY C 65 20.69 -34.01 34.77
C GLY C 65 21.66 -33.40 33.76
N GLU C 66 21.21 -32.38 33.05
CA GLU C 66 21.99 -31.82 31.95
C GLU C 66 22.96 -30.75 32.46
N GLN C 67 24.01 -30.49 31.68
CA GLN C 67 25.07 -29.57 32.07
C GLN C 67 24.82 -28.16 31.52
N VAL C 68 24.77 -27.19 32.41
CA VAL C 68 24.64 -25.78 32.04
C VAL C 68 26.04 -25.16 32.11
N VAL C 69 26.42 -24.38 31.10
CA VAL C 69 27.75 -23.75 31.07
C VAL C 69 27.62 -22.22 31.05
N SER C 70 28.75 -21.53 31.17
CA SER C 70 28.77 -20.07 31.35
C SER C 70 28.74 -19.23 30.05
N SER C 71 28.88 -19.88 28.89
CA SER C 71 28.95 -19.16 27.62
C SER C 71 28.80 -20.12 26.43
N PRO C 72 28.55 -19.58 25.23
CA PRO C 72 28.56 -20.38 23.99
C PRO C 72 29.91 -21.04 23.75
N ALA C 73 31.00 -20.30 23.92
CA ALA C 73 32.36 -20.85 23.78
C ALA C 73 32.51 -22.12 24.61
N ASP C 74 31.95 -22.11 25.82
CA ASP C 74 32.04 -23.26 26.72
C ASP C 74 31.10 -24.41 26.33
N VAL C 75 30.06 -24.13 25.56
CA VAL C 75 29.28 -25.20 24.92
C VAL C 75 30.15 -25.87 23.85
N ALA C 76 30.77 -25.05 23.00
CA ALA C 76 31.64 -25.51 21.92
C ALA C 76 32.76 -26.37 22.39
N GLU C 77 33.35 -25.99 23.52
CA GLU C 77 34.48 -26.68 24.11
C GLU C 77 34.12 -28.11 24.54
N LYS C 78 32.82 -28.35 24.75
CA LYS C 78 32.32 -29.64 25.21
C LYS C 78 31.42 -30.38 24.20
N ALA C 79 30.89 -29.69 23.20
CA ALA C 79 29.89 -30.29 22.28
C ALA C 79 30.35 -30.37 20.83
N ASP C 80 30.31 -31.57 20.24
CA ASP C 80 30.73 -31.80 18.86
C ASP C 80 29.73 -31.22 17.83
N ARG C 81 28.46 -31.17 18.19
CA ARG C 81 27.45 -30.58 17.29
C ARG C 81 26.39 -29.79 18.06
N ILE C 82 26.17 -28.55 17.64
CA ILE C 82 25.42 -27.56 18.41
C ILE C 82 24.21 -27.01 17.63
N ILE C 83 23.14 -26.68 18.34
CA ILE C 83 21.94 -26.06 17.77
C ILE C 83 21.65 -24.73 18.47
N THR C 84 21.23 -23.70 17.72
CA THR C 84 21.00 -22.38 18.32
C THR C 84 19.61 -21.86 17.93
N MET C 85 18.78 -21.59 18.94
CA MET C 85 17.42 -21.12 18.72
C MET C 85 17.22 -19.74 19.35
N LEU C 86 17.72 -18.72 18.66
CA LEU C 86 17.79 -17.35 19.17
C LEU C 86 16.75 -16.45 18.48
N PRO C 87 16.45 -15.27 19.08
CA PRO C 87 15.43 -14.39 18.50
C PRO C 87 15.74 -13.91 17.07
N THR C 88 16.84 -13.18 16.88
CA THR C 88 17.12 -12.57 15.58
C THR C 88 18.63 -12.45 15.28
N SER C 89 18.94 -11.86 14.13
CA SER C 89 20.31 -11.76 13.63
C SER C 89 21.36 -11.42 14.67
N ILE C 90 21.26 -10.25 15.32
CA ILE C 90 22.30 -9.80 16.24
C ILE C 90 22.58 -10.83 17.33
N ASN C 91 21.56 -11.56 17.74
CA ASN C 91 21.71 -12.60 18.75
C ASN C 91 22.59 -13.73 18.24
N ALA C 92 22.37 -14.18 17.01
CA ALA C 92 23.23 -15.18 16.38
C ALA C 92 24.62 -14.62 16.17
N ILE C 93 24.71 -13.42 15.61
CA ILE C 93 26.03 -12.81 15.41
C ILE C 93 26.83 -12.82 16.74
N GLU C 94 26.20 -12.43 17.84
CA GLU C 94 26.86 -12.41 19.15
C GLU C 94 27.14 -13.83 19.67
N ALA C 95 26.13 -14.69 19.66
CA ALA C 95 26.28 -16.07 20.14
C ALA C 95 27.45 -16.82 19.50
N TYR C 96 27.68 -16.57 18.21
CA TYR C 96 28.74 -17.25 17.46
C TYR C 96 30.06 -16.47 17.47
N SER C 97 30.02 -15.23 16.97
CA SER C 97 31.22 -14.40 16.78
C SER C 97 31.66 -13.61 18.02
N GLY C 98 30.81 -13.58 19.05
CA GLY C 98 31.07 -12.79 20.25
C GLY C 98 32.37 -13.13 20.97
N ALA C 99 32.78 -12.24 21.87
CA ALA C 99 34.04 -12.39 22.61
C ALA C 99 34.16 -13.76 23.25
N ASN C 100 33.05 -14.24 23.83
CA ASN C 100 32.99 -15.61 24.33
C ASN C 100 31.95 -16.39 23.56
N GLY C 101 32.05 -16.31 22.24
CA GLY C 101 31.18 -17.03 21.33
C GLY C 101 31.67 -18.43 20.96
N ILE C 102 30.85 -19.15 20.20
CA ILE C 102 31.15 -20.52 19.78
C ILE C 102 32.48 -20.62 19.03
N LEU C 103 32.65 -19.74 18.05
CA LEU C 103 33.79 -19.81 17.12
C LEU C 103 35.12 -19.65 17.86
N LYS C 104 35.08 -19.18 19.10
CA LYS C 104 36.29 -19.08 19.93
C LYS C 104 36.83 -20.47 20.37
N LYS C 105 35.95 -21.47 20.52
CA LYS C 105 36.39 -22.81 20.96
C LYS C 105 35.79 -24.00 20.20
N VAL C 106 35.15 -23.73 19.04
CA VAL C 106 34.60 -24.80 18.20
C VAL C 106 35.73 -25.75 17.72
N LYS C 107 35.43 -27.05 17.64
CA LYS C 107 36.42 -28.07 17.28
C LYS C 107 36.33 -28.46 15.81
N LYS C 108 37.44 -28.95 15.25
CA LYS C 108 37.49 -29.44 13.87
C LYS C 108 36.27 -30.31 13.53
N GLY C 109 35.70 -30.13 12.34
CA GLY C 109 34.64 -31.00 11.83
C GLY C 109 33.28 -30.92 12.52
N SER C 110 33.08 -29.90 13.36
CA SER C 110 31.82 -29.76 14.13
C SER C 110 30.64 -29.43 13.24
N LEU C 111 29.44 -29.81 13.68
CA LEU C 111 28.24 -29.42 12.97
C LEU C 111 27.49 -28.39 13.79
N LEU C 112 27.40 -27.16 13.28
CA LEU C 112 26.65 -26.10 13.92
C LEU C 112 25.37 -25.86 13.13
N ILE C 113 24.23 -25.86 13.82
CA ILE C 113 22.95 -25.65 13.16
C ILE C 113 22.22 -24.49 13.83
N ASP C 114 21.90 -23.45 13.05
CA ASP C 114 21.16 -22.33 13.57
C ASP C 114 19.72 -22.42 13.08
N SER C 115 18.81 -22.72 14.01
CA SER C 115 17.37 -22.82 13.72
C SER C 115 16.64 -21.54 14.08
N SER C 116 17.39 -20.50 14.41
CA SER C 116 16.78 -19.16 14.52
C SER C 116 16.25 -18.75 13.14
N THR C 117 15.34 -17.79 13.12
CA THR C 117 14.96 -17.16 11.87
C THR C 117 15.67 -15.82 11.81
N ILE C 118 16.67 -15.73 10.92
CA ILE C 118 17.49 -14.52 10.75
C ILE C 118 17.72 -14.21 9.28
N ASP C 119 18.37 -13.08 9.02
CA ASP C 119 18.69 -12.61 7.69
C ASP C 119 19.56 -13.68 7.02
N PRO C 120 19.21 -14.07 5.78
CA PRO C 120 20.03 -15.02 5.02
C PRO C 120 21.48 -14.55 4.87
N ALA C 121 21.65 -13.28 4.50
CA ALA C 121 22.96 -12.71 4.36
C ALA C 121 23.82 -12.98 5.60
N VAL C 122 23.19 -12.90 6.78
CA VAL C 122 23.91 -13.15 8.04
C VAL C 122 24.23 -14.62 8.18
N SER C 123 23.33 -15.48 7.71
CA SER C 123 23.65 -16.91 7.71
C SER C 123 24.90 -17.20 6.89
N LYS C 124 24.98 -16.64 5.68
CA LYS C 124 26.15 -16.86 4.82
C LYS C 124 27.41 -16.35 5.50
N GLU C 125 27.33 -15.17 6.11
CA GLU C 125 28.48 -14.58 6.82
C GLU C 125 28.98 -15.49 7.92
N LEU C 126 28.07 -16.02 8.73
CA LEU C 126 28.45 -16.99 9.77
C LEU C 126 29.00 -18.28 9.14
N ALA C 127 28.38 -18.71 8.05
CA ALA C 127 28.83 -19.89 7.28
C ALA C 127 30.28 -19.75 6.82
N LYS C 128 30.65 -18.58 6.30
CA LYS C 128 32.05 -18.34 5.91
C LYS C 128 32.95 -18.37 7.14
N GLU C 129 32.51 -17.80 8.26
CA GLU C 129 33.31 -17.78 9.50
C GLU C 129 33.46 -19.16 10.15
N VAL C 130 32.42 -19.97 10.06
CA VAL C 130 32.46 -21.35 10.57
C VAL C 130 33.35 -22.23 9.69
N GLU C 131 33.19 -22.13 8.38
CA GLU C 131 34.00 -22.89 7.41
C GLU C 131 35.47 -22.53 7.50
N LYS C 132 35.77 -21.27 7.84
CA LYS C 132 37.13 -20.81 8.09
C LYS C 132 37.77 -21.56 9.27
N MET C 133 36.94 -21.91 10.26
CA MET C 133 37.36 -22.68 11.45
C MET C 133 37.31 -24.21 11.25
N GLY C 134 36.97 -24.67 10.04
CA GLY C 134 36.96 -26.12 9.76
C GLY C 134 35.77 -26.86 10.34
N ALA C 135 34.66 -26.16 10.42
CA ALA C 135 33.40 -26.74 10.88
C ALA C 135 32.38 -26.59 9.77
N VAL C 136 31.20 -27.15 9.99
CA VAL C 136 30.11 -27.02 9.04
C VAL C 136 29.00 -26.21 9.70
N PHE C 137 28.42 -25.31 8.93
CA PHE C 137 27.31 -24.53 9.40
C PHE C 137 26.09 -24.80 8.49
N MET C 138 24.91 -24.78 9.08
CA MET C 138 23.68 -24.95 8.31
C MET C 138 22.49 -24.21 8.92
N ASP C 139 21.85 -23.34 8.15
CA ASP C 139 20.65 -22.66 8.63
C ASP C 139 19.47 -23.64 8.53
N ALA C 140 18.68 -23.72 9.59
CA ALA C 140 17.58 -24.67 9.70
C ALA C 140 16.43 -24.06 10.50
N PRO C 141 15.90 -22.95 10.02
CA PRO C 141 14.69 -22.36 10.62
C PRO C 141 13.49 -23.31 10.58
N VAL C 142 12.45 -23.00 11.36
CA VAL C 142 11.35 -23.95 11.56
C VAL C 142 9.96 -23.42 11.23
N SER C 143 9.11 -24.28 10.69
CA SER C 143 7.69 -23.98 10.53
C SER C 143 6.92 -24.78 11.59
N GLY C 144 5.84 -24.20 12.09
CA GLY C 144 5.09 -24.77 13.21
C GLY C 144 5.43 -23.98 14.46
N GLY C 145 4.47 -23.93 15.40
CA GLY C 145 4.61 -23.17 16.66
C GLY C 145 5.01 -23.97 17.91
N VAL C 146 4.69 -23.42 19.08
CA VAL C 146 5.05 -24.04 20.35
C VAL C 146 4.52 -25.46 20.42
N GLY C 147 3.33 -25.69 19.88
CA GLY C 147 2.71 -27.01 19.88
C GLY C 147 3.48 -28.04 19.09
N ALA C 148 3.74 -27.74 17.81
CA ALA C 148 4.55 -28.62 16.96
C ALA C 148 5.94 -28.88 17.57
N ALA C 149 6.50 -27.85 18.20
CA ALA C 149 7.75 -27.95 18.96
C ALA C 149 7.71 -29.07 19.98
N ARG C 150 6.65 -29.09 20.78
CA ARG C 150 6.51 -30.10 21.84
C ARG C 150 6.30 -31.49 21.26
N SER C 151 5.28 -31.64 20.40
CA SER C 151 4.94 -32.93 19.82
C SER C 151 6.03 -33.46 18.90
N GLY C 152 6.82 -32.55 18.32
CA GLY C 152 7.93 -32.93 17.45
C GLY C 152 7.56 -32.98 15.97
N ASN C 153 6.55 -32.22 15.56
CA ASN C 153 6.11 -32.20 14.16
C ASN C 153 6.50 -30.94 13.39
N LEU C 154 7.53 -30.24 13.86
CA LEU C 154 8.04 -29.06 13.18
C LEU C 154 8.53 -29.41 11.79
N THR C 155 8.50 -28.44 10.89
CA THR C 155 9.18 -28.58 9.62
C THR C 155 10.45 -27.76 9.68
N PHE C 156 11.56 -28.37 9.28
CA PHE C 156 12.86 -27.71 9.23
C PHE C 156 13.19 -27.44 7.77
N MET C 157 13.55 -26.20 7.48
CA MET C 157 13.99 -25.81 6.15
C MET C 157 15.50 -25.64 6.23
N VAL C 158 16.22 -26.47 5.50
CA VAL C 158 17.64 -26.63 5.73
C VAL C 158 18.47 -26.18 4.54
N GLY C 159 19.47 -25.35 4.80
CA GLY C 159 20.39 -24.88 3.78
C GLY C 159 21.83 -25.16 4.20
N GLY C 160 22.69 -25.39 3.21
CA GLY C 160 24.08 -25.67 3.46
C GLY C 160 24.64 -26.66 2.48
N VAL C 161 25.88 -27.07 2.68
CA VAL C 161 26.51 -28.03 1.78
C VAL C 161 25.72 -29.31 1.83
N GLU C 162 25.26 -29.76 0.67
CA GLU C 162 24.28 -30.85 0.61
C GLU C 162 24.81 -32.22 1.15
N ASP C 163 26.11 -32.46 1.08
CA ASP C 163 26.66 -33.69 1.67
C ASP C 163 26.35 -33.79 3.18
N GLU C 164 26.38 -32.65 3.87
CA GLU C 164 26.13 -32.60 5.31
C GLU C 164 24.65 -32.73 5.68
N PHE C 165 23.76 -32.68 4.70
CA PHE C 165 22.32 -32.78 4.97
C PHE C 165 21.93 -34.11 5.62
N ALA C 166 22.54 -35.22 5.19
CA ALA C 166 22.27 -36.51 5.81
C ALA C 166 22.44 -36.40 7.32
N ALA C 167 23.63 -35.96 7.75
CA ALA C 167 23.97 -35.81 9.18
C ALA C 167 22.96 -34.98 9.94
N ALA C 168 22.61 -33.82 9.38
CA ALA C 168 21.67 -32.90 10.03
C ALA C 168 20.27 -33.48 10.17
N GLN C 169 19.86 -34.30 9.19
CA GLN C 169 18.54 -34.93 9.19
C GLN C 169 18.43 -35.89 10.38
N GLU C 170 19.50 -36.63 10.64
CA GLU C 170 19.55 -37.51 11.79
C GLU C 170 19.19 -36.73 13.06
N LEU C 171 19.77 -35.54 13.21
CA LEU C 171 19.65 -34.77 14.45
C LEU C 171 18.32 -34.04 14.53
N LEU C 172 17.98 -33.35 13.44
CA LEU C 172 16.77 -32.53 13.40
C LEU C 172 15.47 -33.35 13.46
N GLY C 173 15.53 -34.58 12.95
CA GLY C 173 14.36 -35.48 12.95
C GLY C 173 13.79 -35.79 14.33
N CYS C 174 14.61 -35.65 15.36
CA CYS C 174 14.18 -35.79 16.76
C CYS C 174 13.23 -34.69 17.21
N MET C 175 13.43 -33.50 16.66
CA MET C 175 12.67 -32.33 17.02
C MET C 175 11.52 -32.11 16.05
N GLY C 176 11.62 -32.69 14.85
CA GLY C 176 10.68 -32.42 13.75
C GLY C 176 10.33 -33.62 12.86
N SER C 177 9.18 -33.51 12.20
CA SER C 177 8.69 -34.58 11.33
C SER C 177 9.00 -34.38 9.85
N ASN C 178 9.31 -33.15 9.45
CA ASN C 178 9.71 -32.86 8.09
C ASN C 178 10.98 -32.05 8.04
N VAL C 179 11.98 -32.57 7.34
CA VAL C 179 13.27 -31.87 7.17
C VAL C 179 13.63 -31.79 5.69
N VAL C 180 13.52 -30.59 5.12
CA VAL C 180 13.63 -30.40 3.69
C VAL C 180 14.87 -29.60 3.29
N TYR C 181 15.60 -30.12 2.32
CA TYR C 181 16.81 -29.46 1.82
C TYR C 181 16.39 -28.33 0.88
N CYS C 182 16.90 -27.13 1.12
CA CYS C 182 16.50 -25.94 0.36
C CYS C 182 17.53 -25.42 -0.66
N GLY C 183 18.78 -25.85 -0.52
CA GLY C 183 19.87 -25.36 -1.34
C GLY C 183 21.06 -24.98 -0.49
N ALA C 184 21.84 -24.00 -0.97
CA ALA C 184 23.04 -23.55 -0.26
C ALA C 184 22.67 -22.78 1.02
N VAL C 185 23.68 -22.46 1.83
CA VAL C 185 23.46 -21.74 3.08
C VAL C 185 22.74 -20.43 2.81
N GLY C 186 21.61 -20.21 3.50
CA GLY C 186 20.79 -19.04 3.32
C GLY C 186 19.44 -19.41 2.78
N THR C 187 19.36 -20.51 2.05
CA THR C 187 18.13 -20.90 1.37
C THR C 187 17.02 -21.26 2.35
N GLY C 188 17.41 -21.77 3.52
CA GLY C 188 16.42 -22.13 4.57
C GLY C 188 15.75 -20.88 5.11
N GLN C 189 16.56 -19.88 5.45
CA GLN C 189 16.03 -18.62 5.93
C GLN C 189 15.19 -18.00 4.82
N ALA C 190 15.72 -17.96 3.60
CA ALA C 190 14.93 -17.46 2.46
C ALA C 190 13.59 -18.21 2.28
N ALA C 191 13.58 -19.51 2.51
CA ALA C 191 12.34 -20.29 2.45
C ALA C 191 11.37 -19.90 3.57
N LYS C 192 11.86 -19.91 4.83
CA LYS C 192 11.02 -19.45 5.98
C LYS C 192 10.53 -18.03 5.79
N ILE C 193 11.42 -17.12 5.39
CA ILE C 193 11.03 -15.72 5.24
C ILE C 193 9.95 -15.49 4.17
N CYS C 194 10.09 -16.16 3.03
CA CYS C 194 9.10 -16.01 1.99
C CYS C 194 7.77 -16.59 2.42
N ASN C 195 7.77 -17.74 3.09
CA ASN C 195 6.51 -18.30 3.62
C ASN C 195 5.84 -17.38 4.58
N ASN C 196 6.57 -16.89 5.58
CA ASN C 196 5.91 -16.02 6.56
C ASN C 196 5.41 -14.74 5.95
N MET C 197 6.03 -14.28 4.87
CA MET C 197 5.49 -13.13 4.12
C MET C 197 4.14 -13.44 3.44
N LEU C 198 4.06 -14.56 2.74
CA LEU C 198 2.81 -14.96 2.14
C LEU C 198 1.76 -15.21 3.23
N LEU C 199 2.16 -15.77 4.37
CA LEU C 199 1.21 -15.99 5.48
C LEU C 199 0.64 -14.65 5.91
N ALA C 200 1.52 -13.72 6.24
CA ALA C 200 1.09 -12.41 6.72
C ALA C 200 0.15 -11.70 5.75
N ILE C 201 0.52 -11.71 4.46
CA ILE C 201 -0.34 -11.11 3.43
C ILE C 201 -1.72 -11.77 3.46
N SER C 202 -1.74 -13.09 3.52
CA SER C 202 -3.00 -13.83 3.49
C SER C 202 -3.86 -13.71 4.74
N MET C 203 -3.21 -13.53 5.89
CA MET C 203 -3.95 -13.34 7.15
C MET C 203 -4.60 -11.95 7.19
N ILE C 204 -3.90 -10.94 6.74
CA ILE C 204 -4.45 -9.61 6.73
C ILE C 204 -5.59 -9.64 5.72
N GLY C 205 -5.35 -10.34 4.60
CA GLY C 205 -6.37 -10.52 3.59
C GLY C 205 -7.62 -11.17 4.10
N THR C 206 -7.44 -12.22 4.90
CA THR C 206 -8.59 -12.93 5.45
C THR C 206 -9.31 -12.02 6.43
N ALA C 207 -8.53 -11.35 7.27
CA ALA C 207 -9.14 -10.42 8.21
C ALA C 207 -10.01 -9.41 7.46
N GLU C 208 -9.42 -8.77 6.45
CA GLU C 208 -10.10 -7.74 5.67
C GLU C 208 -11.35 -8.27 4.96
N ALA C 209 -11.23 -9.42 4.31
CA ALA C 209 -12.34 -9.99 3.58
C ALA C 209 -13.49 -10.31 4.51
N MET C 210 -13.18 -10.87 5.66
CA MET C 210 -14.19 -11.22 6.66
C MET C 210 -14.86 -9.98 7.23
N ASN C 211 -14.05 -8.99 7.57
CA ASN C 211 -14.63 -7.75 8.05
C ASN C 211 -15.57 -7.16 6.99
N LEU C 212 -15.13 -7.14 5.75
CA LEU C 212 -15.96 -6.56 4.69
C LEU C 212 -17.30 -7.29 4.53
N GLY C 213 -17.24 -8.61 4.54
CA GLY C 213 -18.43 -9.37 4.44
C GLY C 213 -19.31 -9.13 5.64
N ILE C 214 -18.74 -9.17 6.85
CA ILE C 214 -19.56 -8.96 8.04
C ILE C 214 -20.29 -7.62 7.91
N ARG C 215 -19.53 -6.57 7.57
CA ARG C 215 -20.08 -5.22 7.51
C ARG C 215 -21.00 -5.05 6.32
N LEU C 216 -20.90 -5.96 5.35
CA LEU C 216 -21.89 -6.06 4.28
C LEU C 216 -23.09 -6.95 4.64
N GLY C 217 -23.19 -7.38 5.89
CA GLY C 217 -24.36 -8.15 6.34
C GLY C 217 -24.34 -9.67 6.17
N LEU C 218 -23.19 -10.27 5.94
CA LEU C 218 -23.07 -11.73 5.93
C LEU C 218 -22.83 -12.27 7.32
N ASP C 219 -23.27 -13.51 7.58
CA ASP C 219 -22.83 -14.26 8.78
C ASP C 219 -21.36 -14.74 8.63
N PRO C 220 -20.52 -14.53 9.66
CA PRO C 220 -19.12 -14.89 9.47
C PRO C 220 -18.91 -16.37 9.15
N LYS C 221 -19.70 -17.25 9.74
CA LYS C 221 -19.48 -18.67 9.56
C LYS C 221 -19.78 -19.05 8.10
N LEU C 222 -20.85 -18.52 7.54
CA LEU C 222 -21.13 -18.74 6.14
C LEU C 222 -20.01 -18.20 5.22
N LEU C 223 -19.56 -16.98 5.45
CA LEU C 223 -18.51 -16.42 4.62
C LEU C 223 -17.24 -17.29 4.66
N ALA C 224 -16.91 -17.85 5.82
CA ALA C 224 -15.80 -18.78 5.92
C ALA C 224 -16.07 -20.04 5.07
N LYS C 225 -17.25 -20.62 5.22
CA LYS C 225 -17.62 -21.80 4.41
C LYS C 225 -17.32 -21.53 2.95
N ILE C 226 -17.86 -20.41 2.45
CA ILE C 226 -17.66 -20.04 1.06
C ILE C 226 -16.16 -19.84 0.78
N LEU C 227 -15.49 -19.04 1.60
CA LEU C 227 -14.08 -18.81 1.32
C LEU C 227 -13.39 -20.17 1.20
N ASN C 228 -13.70 -21.07 2.12
CA ASN C 228 -12.91 -22.29 2.24
C ASN C 228 -13.20 -23.39 1.24
N MET C 229 -14.23 -23.20 0.44
CA MET C 229 -14.51 -24.08 -0.67
C MET C 229 -14.23 -23.39 -2.01
N SER C 230 -13.58 -22.23 -1.99
CA SER C 230 -13.46 -21.44 -3.20
C SER C 230 -12.05 -20.93 -3.35
N SER C 231 -11.80 -20.18 -4.42
CA SER C 231 -10.45 -19.74 -4.73
C SER C 231 -9.77 -18.90 -3.65
N GLY C 232 -10.54 -18.36 -2.71
CA GLY C 232 -9.97 -17.64 -1.58
C GLY C 232 -9.35 -18.53 -0.52
N ARG C 233 -9.67 -19.83 -0.49
CA ARG C 233 -9.19 -20.61 0.67
CA ARG C 233 -9.17 -20.72 0.58
C ARG C 233 -7.68 -20.53 0.79
N CYS C 234 -7.24 -20.32 2.01
CA CYS C 234 -5.84 -20.38 2.35
C CYS C 234 -5.77 -20.89 3.78
N TRP C 235 -4.57 -21.14 4.24
CA TRP C 235 -4.38 -21.74 5.54
C TRP C 235 -4.99 -20.86 6.63
N SER C 236 -4.71 -19.57 6.56
CA SER C 236 -5.29 -18.57 7.46
C SER C 236 -6.81 -18.70 7.60
N SER C 237 -7.52 -18.92 6.49
CA SER C 237 -8.98 -19.01 6.57
C SER C 237 -9.54 -20.38 6.93
N ASP C 238 -8.95 -21.47 6.43
CA ASP C 238 -9.47 -22.80 6.72
C ASP C 238 -8.76 -23.48 7.91
N THR C 239 -7.72 -22.85 8.47
CA THR C 239 -6.97 -23.52 9.57
C THR C 239 -6.74 -22.62 10.81
N TYR C 240 -6.65 -21.29 10.65
CA TYR C 240 -6.25 -20.39 11.75
C TYR C 240 -7.14 -19.14 11.75
N ASN C 241 -8.44 -19.36 11.56
CA ASN C 241 -9.35 -18.29 11.16
C ASN C 241 -9.45 -17.18 12.18
N PRO C 242 -9.28 -15.93 11.72
CA PRO C 242 -9.10 -14.83 12.68
C PRO C 242 -10.34 -14.28 13.34
N VAL C 243 -11.51 -14.69 12.89
CA VAL C 243 -12.76 -14.17 13.39
C VAL C 243 -13.26 -15.07 14.49
N PRO C 244 -13.37 -14.52 15.73
CA PRO C 244 -13.76 -15.31 16.91
C PRO C 244 -15.07 -16.05 16.72
N GLY C 245 -15.06 -17.35 17.00
CA GLY C 245 -16.28 -18.14 16.86
C GLY C 245 -16.47 -18.82 15.52
N VAL C 246 -15.66 -18.48 14.52
CA VAL C 246 -15.76 -19.22 13.28
C VAL C 246 -15.19 -20.62 13.48
N MET C 247 -14.03 -20.75 14.14
CA MET C 247 -13.38 -22.05 14.39
C MET C 247 -12.97 -22.24 15.84
N ASP C 248 -13.21 -23.44 16.38
CA ASP C 248 -12.71 -23.81 17.71
C ASP C 248 -11.21 -24.04 17.61
N GLY C 249 -10.51 -23.79 18.71
CA GLY C 249 -9.13 -24.23 18.87
C GLY C 249 -8.08 -23.40 18.18
N VAL C 250 -8.48 -22.26 17.66
CA VAL C 250 -7.56 -21.29 17.04
C VAL C 250 -7.50 -20.12 18.00
N PRO C 251 -6.44 -19.32 17.95
CA PRO C 251 -6.27 -18.21 18.91
C PRO C 251 -7.43 -17.22 19.01
N SER C 252 -8.09 -16.95 17.89
CA SER C 252 -9.26 -16.09 17.88
C SER C 252 -10.40 -16.62 18.75
N ALA C 253 -10.42 -17.92 19.09
CA ALA C 253 -11.43 -18.45 20.03
C ALA C 253 -11.03 -18.24 21.51
N ASN C 254 -9.86 -17.63 21.73
CA ASN C 254 -9.34 -17.39 23.09
C ASN C 254 -8.58 -16.04 23.17
N ASN C 255 -9.26 -14.98 22.73
CA ASN C 255 -8.70 -13.61 22.65
C ASN C 255 -7.22 -13.51 22.23
N TYR C 256 -6.88 -14.22 21.18
CA TYR C 256 -5.55 -14.14 20.55
C TYR C 256 -4.41 -14.33 21.54
N GLN C 257 -4.65 -15.16 22.54
CA GLN C 257 -3.64 -15.49 23.55
C GLN C 257 -2.67 -16.54 22.97
N GLY C 258 -1.42 -16.56 23.40
CA GLY C 258 -0.42 -17.48 22.85
C GLY C 258 -0.31 -17.40 21.33
N GLY C 259 -0.18 -18.55 20.68
CA GLY C 259 -0.05 -18.63 19.23
C GLY C 259 1.33 -18.20 18.76
N PHE C 260 1.39 -17.52 17.63
CA PHE C 260 2.62 -16.97 17.08
C PHE C 260 2.54 -15.45 17.24
N GLY C 261 3.54 -14.89 17.90
CA GLY C 261 3.43 -13.53 18.42
C GLY C 261 3.56 -12.45 17.39
N THR C 262 2.74 -11.42 17.53
CA THR C 262 2.73 -10.26 16.67
C THR C 262 4.10 -9.64 16.60
N THR C 263 4.78 -9.62 17.74
CA THR C 263 6.13 -9.11 17.81
C THR C 263 7.04 -9.87 16.84
N LEU C 264 7.04 -11.19 16.94
CA LEU C 264 7.90 -12.01 16.08
C LEU C 264 7.50 -11.92 14.58
N MET C 265 6.22 -11.82 14.28
CA MET C 265 5.79 -11.73 12.90
C MET C 265 6.34 -10.47 12.26
N ALA C 266 6.22 -9.35 12.97
CA ALA C 266 6.83 -8.08 12.54
C ALA C 266 8.34 -8.25 12.33
N LYS C 267 8.98 -8.97 13.25
CA LYS C 267 10.41 -9.21 13.14
C LYS C 267 10.68 -9.96 11.85
N ASP C 268 9.87 -10.97 11.56
CA ASP C 268 10.09 -11.80 10.37
C ASP C 268 9.80 -10.94 9.14
N LEU C 269 8.76 -10.12 9.19
CA LEU C 269 8.43 -9.29 8.02
C LEU C 269 9.55 -8.25 7.80
N GLY C 270 10.19 -7.84 8.87
CA GLY C 270 11.33 -6.94 8.75
C GLY C 270 12.44 -7.62 7.98
N LEU C 271 12.59 -8.92 8.20
CA LEU C 271 13.56 -9.72 7.47
C LEU C 271 13.20 -9.76 5.96
N ALA C 272 11.97 -10.17 5.65
CA ALA C 272 11.50 -10.10 4.28
C ALA C 272 11.81 -8.73 3.66
N GLN C 273 11.44 -7.66 4.36
CA GLN C 273 11.62 -6.29 3.85
C GLN C 273 13.09 -6.03 3.52
N ASP C 274 13.97 -6.28 4.48
CA ASP C 274 15.36 -5.97 4.26
C ASP C 274 16.00 -6.88 3.22
N SER C 275 15.55 -8.13 3.11
CA SER C 275 16.00 -8.98 2.03
C SER C 275 15.42 -8.62 0.66
N ALA C 276 14.16 -8.16 0.64
CA ALA C 276 13.55 -7.61 -0.58
C ALA C 276 14.34 -6.38 -1.06
N THR C 277 14.70 -5.49 -0.15
CA THR C 277 15.54 -4.38 -0.52
C THR C 277 16.84 -4.87 -1.17
N SER C 278 17.66 -5.59 -0.40
CA SER C 278 18.96 -6.09 -0.88
C SER C 278 18.90 -6.79 -2.25
N THR C 279 17.89 -7.62 -2.47
CA THR C 279 17.78 -8.34 -3.76
C THR C 279 16.95 -7.57 -4.80
N LYS C 280 16.62 -6.31 -4.50
CA LYS C 280 15.78 -5.46 -5.38
C LYS C 280 14.53 -6.15 -5.86
N SER C 281 13.71 -6.57 -4.91
CA SER C 281 12.49 -7.35 -5.16
C SER C 281 11.26 -6.58 -4.73
N PRO C 282 10.36 -6.28 -5.69
CA PRO C 282 9.19 -5.47 -5.33
C PRO C 282 8.20 -6.31 -4.57
N ILE C 283 7.85 -5.85 -3.38
CA ILE C 283 6.89 -6.54 -2.54
C ILE C 283 5.91 -5.46 -2.06
N LEU C 284 4.84 -5.25 -2.80
CA LEU C 284 3.88 -4.21 -2.46
C LEU C 284 3.01 -4.65 -1.27
N LEU C 285 2.17 -5.66 -1.46
CA LEU C 285 1.40 -6.15 -0.37
C LEU C 285 2.30 -6.51 0.79
N GLY C 286 3.48 -7.05 0.49
CA GLY C 286 4.41 -7.49 1.52
C GLY C 286 4.90 -6.39 2.42
N SER C 287 5.24 -5.28 1.80
CA SER C 287 5.65 -4.10 2.52
C SER C 287 4.56 -3.61 3.46
N LEU C 288 3.34 -3.51 2.96
CA LEU C 288 2.20 -3.12 3.78
C LEU C 288 1.95 -4.06 4.95
N ALA C 289 2.04 -5.35 4.69
CA ALA C 289 1.87 -6.30 5.75
C ALA C 289 2.82 -5.91 6.86
N HIS C 290 4.09 -5.65 6.50
CA HIS C 290 5.14 -5.31 7.45
C HIS C 290 4.68 -4.11 8.26
N GLN C 291 4.28 -3.03 7.59
CA GLN C 291 3.92 -1.79 8.30
C GLN C 291 2.67 -1.96 9.16
N ILE C 292 1.74 -2.80 8.72
CA ILE C 292 0.52 -2.98 9.46
C ILE C 292 0.92 -3.65 10.76
N TYR C 293 1.71 -4.70 10.67
CA TYR C 293 2.16 -5.37 11.88
C TYR C 293 3.08 -4.49 12.74
N ARG C 294 3.82 -3.60 12.08
CA ARG C 294 4.66 -2.68 12.83
C ARG C 294 3.77 -1.85 13.73
N MET C 295 2.69 -1.30 13.18
CA MET C 295 1.78 -0.45 13.94
C MET C 295 1.06 -1.19 15.06
N MET C 296 0.70 -2.45 14.83
CA MET C 296 0.10 -3.26 15.87
C MET C 296 0.98 -3.44 17.11
N CYS C 297 2.29 -3.61 16.90
CA CYS C 297 3.21 -3.73 18.04
C CYS C 297 3.13 -2.54 18.93
N ALA C 298 2.86 -1.39 18.33
CA ALA C 298 2.88 -0.13 19.06
C ALA C 298 1.53 0.16 19.67
N LYS C 299 0.53 -0.65 19.34
CA LYS C 299 -0.82 -0.32 19.70
C LYS C 299 -1.47 -1.41 20.55
N GLY C 300 -0.63 -2.21 21.20
CA GLY C 300 -1.11 -3.12 22.21
C GLY C 300 -1.49 -4.50 21.72
N TYR C 301 -0.94 -4.89 20.57
CA TYR C 301 -1.10 -6.24 20.03
C TYR C 301 0.17 -7.09 20.14
N SER C 302 1.26 -6.53 20.68
CA SER C 302 2.59 -7.16 20.57
C SER C 302 2.65 -8.57 21.14
N LYS C 303 1.91 -8.82 22.21
CA LYS C 303 1.88 -10.16 22.80
C LYS C 303 0.74 -11.03 22.23
N LYS C 304 -0.23 -10.42 21.55
CA LYS C 304 -1.35 -11.18 21.01
C LYS C 304 -0.94 -11.95 19.77
N ASP C 305 -1.63 -13.04 19.46
CA ASP C 305 -1.38 -13.77 18.23
C ASP C 305 -1.44 -12.83 17.00
N PHE C 306 -0.74 -13.18 15.93
CA PHE C 306 -0.75 -12.36 14.72
C PHE C 306 -2.11 -12.32 14.00
N SER C 307 -2.99 -13.29 14.29
CA SER C 307 -4.34 -13.29 13.70
C SER C 307 -5.20 -12.17 14.28
N SER C 308 -4.70 -11.53 15.34
CA SER C 308 -5.40 -10.39 15.97
C SER C 308 -5.54 -9.16 15.07
N VAL C 309 -4.93 -9.20 13.88
CA VAL C 309 -5.11 -8.16 12.91
C VAL C 309 -6.59 -7.95 12.65
N PHE C 310 -7.40 -8.99 12.79
CA PHE C 310 -8.85 -8.80 12.63
C PHE C 310 -9.41 -7.87 13.70
N GLN C 311 -9.01 -8.10 14.93
CA GLN C 311 -9.44 -7.27 16.05
C GLN C 311 -8.96 -5.81 15.83
N PHE C 312 -7.72 -5.65 15.36
CA PHE C 312 -7.18 -4.32 14.94
C PHE C 312 -7.96 -3.63 13.80
N LEU C 313 -8.48 -4.37 12.83
CA LEU C 313 -9.30 -3.74 11.78
C LEU C 313 -10.69 -3.37 12.26
N ARG C 314 -11.26 -4.17 13.16
CA ARG C 314 -12.64 -3.96 13.54
C ARG C 314 -12.78 -2.78 14.46
N GLU C 315 -13.75 -1.97 14.11
CA GLU C 315 -14.06 -0.73 14.80
C GLU C 315 -14.17 -0.89 16.33
N MET D 23 -40.43 -27.23 -20.62
CA MET D 23 -40.79 -26.04 -19.81
C MET D 23 -39.66 -24.99 -19.92
N PRO D 24 -39.84 -23.98 -20.81
CA PRO D 24 -38.76 -23.05 -21.26
C PRO D 24 -37.95 -22.30 -20.20
N VAL D 25 -36.65 -22.12 -20.47
CA VAL D 25 -35.75 -21.31 -19.62
C VAL D 25 -35.10 -20.21 -20.45
N GLY D 26 -35.16 -18.98 -19.97
CA GLY D 26 -34.56 -17.83 -20.65
C GLY D 26 -33.11 -17.56 -20.22
N PHE D 27 -32.24 -17.34 -21.20
CA PHE D 27 -30.84 -17.07 -20.95
C PHE D 27 -30.36 -15.83 -21.71
N ILE D 28 -29.91 -14.84 -20.95
CA ILE D 28 -29.45 -13.58 -21.51
C ILE D 28 -27.97 -13.40 -21.21
N GLY D 29 -27.16 -13.32 -22.26
CA GLY D 29 -25.73 -13.12 -22.12
C GLY D 29 -24.98 -14.45 -22.20
N LEU D 30 -24.33 -14.69 -23.36
CA LEU D 30 -23.72 -15.99 -23.66
C LEU D 30 -22.23 -15.86 -24.03
N GLY D 31 -21.44 -15.33 -23.09
CA GLY D 31 -19.99 -15.27 -23.23
C GLY D 31 -19.30 -16.48 -22.63
N ASN D 32 -18.16 -16.23 -21.98
CA ASN D 32 -17.27 -17.31 -21.53
C ASN D 32 -17.90 -18.22 -20.49
N MET D 33 -18.64 -17.64 -19.55
CA MET D 33 -19.39 -18.41 -18.56
C MET D 33 -20.77 -18.76 -19.10
N GLY D 34 -21.40 -17.83 -19.80
CA GLY D 34 -22.76 -18.01 -20.31
C GLY D 34 -22.94 -19.15 -21.30
N ASN D 35 -22.02 -19.24 -22.26
CA ASN D 35 -22.10 -20.25 -23.33
C ASN D 35 -22.17 -21.67 -22.73
N PRO D 36 -21.15 -22.06 -21.95
CA PRO D 36 -21.16 -23.40 -21.37
C PRO D 36 -22.24 -23.63 -20.33
N MET D 37 -22.55 -22.60 -19.54
CA MET D 37 -23.70 -22.66 -18.63
C MET D 37 -24.97 -23.01 -19.41
N ALA D 38 -25.25 -22.23 -20.46
CA ALA D 38 -26.42 -22.42 -21.31
C ALA D 38 -26.44 -23.82 -21.91
N LYS D 39 -25.26 -24.32 -22.27
CA LYS D 39 -25.14 -25.67 -22.84
C LYS D 39 -25.49 -26.76 -21.83
N ASN D 40 -25.10 -26.58 -20.57
CA ASN D 40 -25.42 -27.57 -19.54
C ASN D 40 -26.91 -27.68 -19.27
N LEU D 41 -27.62 -26.55 -19.37
CA LEU D 41 -29.08 -26.55 -19.30
C LEU D 41 -29.72 -27.36 -20.43
N MET D 42 -29.09 -27.34 -21.60
CA MET D 42 -29.52 -28.16 -22.74
C MET D 42 -29.20 -29.63 -22.48
N LYS D 43 -28.07 -29.91 -21.83
CA LYS D 43 -27.70 -31.27 -21.43
C LYS D 43 -28.72 -31.89 -20.48
N HIS D 44 -29.23 -31.10 -19.53
CA HIS D 44 -30.28 -31.59 -18.63
C HIS D 44 -31.69 -31.52 -19.23
N GLY D 45 -31.80 -30.91 -20.42
CA GLY D 45 -32.98 -31.04 -21.26
C GLY D 45 -33.96 -29.90 -21.14
N TYR D 46 -33.44 -28.67 -21.13
CA TYR D 46 -34.30 -27.49 -21.10
C TYR D 46 -34.28 -26.81 -22.47
N PRO D 47 -35.46 -26.42 -22.97
CA PRO D 47 -35.49 -25.53 -24.13
C PRO D 47 -35.09 -24.12 -23.70
N LEU D 48 -34.19 -23.49 -24.46
CA LEU D 48 -33.67 -22.15 -24.14
C LEU D 48 -34.22 -21.06 -25.08
N ILE D 49 -34.52 -19.88 -24.51
CA ILE D 49 -34.86 -18.69 -25.28
C ILE D 49 -33.70 -17.70 -25.12
N ILE D 50 -32.83 -17.67 -26.13
CA ILE D 50 -31.54 -16.97 -26.07
C ILE D 50 -31.65 -15.51 -26.48
N TYR D 51 -30.85 -14.67 -25.81
CA TYR D 51 -30.57 -13.33 -26.30
C TYR D 51 -29.18 -12.84 -25.88
N ASP D 52 -28.54 -12.10 -26.79
CA ASP D 52 -27.25 -11.45 -26.50
C ASP D 52 -27.07 -10.24 -27.41
N VAL D 53 -26.59 -9.13 -26.86
CA VAL D 53 -26.35 -7.90 -27.62
C VAL D 53 -25.29 -8.07 -28.73
N PHE D 54 -24.39 -9.03 -28.56
CA PHE D 54 -23.48 -9.46 -29.63
C PHE D 54 -24.10 -10.68 -30.33
N PRO D 55 -24.59 -10.47 -31.56
CA PRO D 55 -25.46 -11.45 -32.19
C PRO D 55 -24.72 -12.70 -32.64
N ASP D 56 -23.45 -12.53 -33.02
CA ASP D 56 -22.63 -13.68 -33.43
C ASP D 56 -22.62 -14.73 -32.30
N ALA D 57 -22.57 -14.27 -31.05
CA ALA D 57 -22.60 -15.15 -29.86
C ALA D 57 -23.79 -16.10 -29.82
N CYS D 58 -24.87 -15.73 -30.49
CA CYS D 58 -26.08 -16.55 -30.54
C CYS D 58 -26.05 -17.61 -31.61
N LYS D 59 -25.38 -17.32 -32.72
CA LYS D 59 -25.45 -18.17 -33.94
C LYS D 59 -25.38 -19.67 -33.66
N GLU D 60 -24.54 -20.06 -32.70
CA GLU D 60 -24.37 -21.47 -32.32
C GLU D 60 -25.64 -22.12 -31.76
N PHE D 61 -26.47 -21.32 -31.07
CA PHE D 61 -27.67 -21.83 -30.40
C PHE D 61 -28.90 -21.91 -31.31
N GLN D 62 -28.96 -21.03 -32.30
CA GLN D 62 -29.98 -21.11 -33.35
C GLN D 62 -29.86 -22.42 -34.13
N ASP D 63 -28.64 -22.95 -34.21
CA ASP D 63 -28.38 -24.22 -34.88
C ASP D 63 -28.74 -25.44 -34.01
N ALA D 64 -28.63 -25.30 -32.70
CA ALA D 64 -28.97 -26.38 -31.77
C ALA D 64 -30.48 -26.63 -31.67
N GLY D 65 -31.28 -25.73 -32.23
CA GLY D 65 -32.74 -25.83 -32.19
C GLY D 65 -33.40 -24.81 -31.27
N GLU D 66 -32.60 -23.97 -30.64
CA GLU D 66 -33.09 -23.02 -29.64
C GLU D 66 -33.58 -21.73 -30.32
N GLN D 67 -34.45 -20.98 -29.62
CA GLN D 67 -35.03 -19.75 -30.15
C GLN D 67 -34.23 -18.53 -29.71
N VAL D 68 -33.75 -17.75 -30.68
CA VAL D 68 -33.10 -16.47 -30.39
C VAL D 68 -34.14 -15.36 -30.60
N VAL D 69 -34.15 -14.38 -29.72
CA VAL D 69 -35.12 -13.28 -29.77
C VAL D 69 -34.38 -11.95 -29.92
N SER D 70 -35.14 -10.87 -30.16
CA SER D 70 -34.54 -9.57 -30.46
C SER D 70 -34.24 -8.67 -29.24
N SER D 71 -34.67 -9.08 -28.04
CA SER D 71 -34.41 -8.29 -26.82
C SER D 71 -34.66 -9.11 -25.55
N PRO D 72 -34.23 -8.58 -24.38
CA PRO D 72 -34.63 -9.16 -23.09
C PRO D 72 -36.15 -9.20 -22.90
N ALA D 73 -36.83 -8.09 -23.16
CA ALA D 73 -38.30 -8.04 -23.06
C ALA D 73 -38.94 -9.23 -23.78
N ASP D 74 -38.39 -9.56 -24.96
CA ASP D 74 -38.86 -10.68 -25.78
C ASP D 74 -38.53 -12.06 -25.19
N VAL D 75 -37.45 -12.13 -24.39
CA VAL D 75 -37.18 -13.34 -23.62
C VAL D 75 -38.28 -13.50 -22.56
N ALA D 76 -38.52 -12.42 -21.81
CA ALA D 76 -39.52 -12.42 -20.73
C ALA D 76 -40.94 -12.74 -21.22
N GLU D 77 -41.27 -12.29 -22.42
CA GLU D 77 -42.58 -12.54 -23.02
C GLU D 77 -42.83 -14.02 -23.26
N LYS D 78 -41.76 -14.80 -23.38
CA LYS D 78 -41.85 -16.23 -23.69
C LYS D 78 -41.33 -17.16 -22.58
N ALA D 79 -40.55 -16.64 -21.63
CA ALA D 79 -39.88 -17.48 -20.61
C ALA D 79 -40.33 -17.19 -19.18
N ASP D 80 -40.81 -18.23 -18.50
CA ASP D 80 -41.33 -18.13 -17.12
C ASP D 80 -40.19 -17.96 -16.07
N ARG D 81 -38.98 -18.43 -16.36
CA ARG D 81 -37.83 -18.22 -15.47
C ARG D 81 -36.52 -18.03 -16.23
N ILE D 82 -35.80 -16.94 -15.89
CA ILE D 82 -34.70 -16.44 -16.71
C ILE D 82 -33.41 -16.34 -15.93
N ILE D 83 -32.28 -16.50 -16.63
CA ILE D 83 -30.92 -16.33 -16.08
C ILE D 83 -30.12 -15.30 -16.87
N THR D 84 -29.34 -14.49 -16.18
CA THR D 84 -28.60 -13.42 -16.83
C THR D 84 -27.11 -13.47 -16.43
N MET D 85 -26.25 -13.65 -17.42
CA MET D 85 -24.81 -13.76 -17.16
C MET D 85 -24.07 -12.64 -17.90
N LEU D 86 -24.10 -11.44 -17.31
CA LEU D 86 -23.62 -10.22 -17.94
C LEU D 86 -22.31 -9.70 -17.26
N PRO D 87 -21.57 -8.80 -17.93
CA PRO D 87 -20.27 -8.38 -17.38
C PRO D 87 -20.37 -7.64 -16.07
N THR D 88 -21.09 -6.52 -16.03
CA THR D 88 -21.14 -5.72 -14.80
C THR D 88 -22.47 -5.03 -14.57
N SER D 89 -22.53 -4.23 -13.50
CA SER D 89 -23.76 -3.55 -13.09
C SER D 89 -24.57 -2.91 -14.22
N ILE D 90 -23.97 -1.96 -14.96
CA ILE D 90 -24.69 -1.24 -16.01
C ILE D 90 -25.40 -2.18 -16.99
N ASN D 91 -24.76 -3.31 -17.27
CA ASN D 91 -25.31 -4.30 -18.18
C ASN D 91 -26.60 -4.91 -17.65
N ALA D 92 -26.59 -5.28 -16.37
CA ALA D 92 -27.79 -5.80 -15.69
C ALA D 92 -28.86 -4.72 -15.60
N ILE D 93 -28.46 -3.52 -15.16
CA ILE D 93 -29.39 -2.42 -15.11
C ILE D 93 -30.11 -2.27 -16.47
N GLU D 94 -29.33 -2.27 -17.55
CA GLU D 94 -29.89 -2.13 -18.90
C GLU D 94 -30.74 -3.35 -19.27
N ALA D 95 -30.17 -4.53 -19.15
CA ALA D 95 -30.87 -5.76 -19.54
C ALA D 95 -32.23 -5.92 -18.87
N TYR D 96 -32.34 -5.46 -17.63
CA TYR D 96 -33.61 -5.58 -16.86
C TYR D 96 -34.52 -4.35 -17.04
N SER D 97 -34.01 -3.18 -16.66
CA SER D 97 -34.80 -1.95 -16.60
C SER D 97 -34.80 -1.14 -17.90
N GLY D 98 -34.00 -1.57 -18.89
CA GLY D 98 -33.91 -0.87 -20.18
C GLY D 98 -35.22 -0.76 -20.94
N ALA D 99 -35.22 0.14 -21.93
CA ALA D 99 -36.42 0.45 -22.70
C ALA D 99 -37.08 -0.80 -23.26
N ASN D 100 -36.25 -1.75 -23.71
CA ASN D 100 -36.73 -3.06 -24.14
C ASN D 100 -36.12 -4.13 -23.22
N GLY D 101 -36.18 -3.86 -21.91
CA GLY D 101 -35.68 -4.77 -20.89
C GLY D 101 -36.69 -5.82 -20.43
N ILE D 102 -36.25 -6.70 -19.55
CA ILE D 102 -37.06 -7.82 -19.04
C ILE D 102 -38.34 -7.33 -18.33
N LEU D 103 -38.19 -6.34 -17.46
CA LEU D 103 -39.29 -5.86 -16.63
C LEU D 103 -40.42 -5.24 -17.43
N LYS D 104 -40.18 -4.95 -18.71
CA LYS D 104 -41.25 -4.46 -19.59
C LYS D 104 -42.27 -5.55 -19.97
N LYS D 105 -41.88 -6.82 -19.98
CA LYS D 105 -42.82 -7.93 -20.27
C LYS D 105 -42.67 -9.19 -19.39
N VAL D 106 -42.08 -9.06 -18.21
CA VAL D 106 -42.02 -10.19 -17.27
C VAL D 106 -43.41 -10.54 -16.77
N LYS D 107 -43.67 -11.84 -16.59
CA LYS D 107 -45.00 -12.33 -16.19
C LYS D 107 -45.09 -12.54 -14.67
N LYS D 108 -46.31 -12.52 -14.16
CA LYS D 108 -46.61 -12.85 -12.75
C LYS D 108 -45.83 -14.10 -12.25
N GLY D 109 -45.29 -14.01 -11.04
CA GLY D 109 -44.67 -15.16 -10.38
C GLY D 109 -43.42 -15.72 -11.04
N SER D 110 -42.83 -14.97 -11.96
CA SER D 110 -41.63 -15.43 -12.66
C SER D 110 -40.38 -15.44 -11.76
N LEU D 111 -39.42 -16.31 -12.08
CA LEU D 111 -38.14 -16.39 -11.37
C LEU D 111 -37.01 -15.83 -12.22
N LEU D 112 -36.49 -14.67 -11.82
CA LEU D 112 -35.35 -14.09 -12.51
C LEU D 112 -34.08 -14.28 -11.68
N ILE D 113 -33.04 -14.81 -12.31
CA ILE D 113 -31.82 -15.08 -11.61
C ILE D 113 -30.66 -14.36 -12.30
N ASP D 114 -29.95 -13.51 -11.58
CA ASP D 114 -28.82 -12.84 -12.15
C ASP D 114 -27.54 -13.42 -11.59
N SER D 115 -26.83 -14.15 -12.44
CA SER D 115 -25.59 -14.78 -12.05
C SER D 115 -24.38 -13.98 -12.51
N SER D 116 -24.62 -12.75 -12.94
CA SER D 116 -23.54 -11.80 -13.15
C SER D 116 -22.94 -11.42 -11.79
N THR D 117 -21.70 -10.92 -11.79
CA THR D 117 -21.06 -10.39 -10.57
C THR D 117 -21.14 -8.87 -10.62
N ILE D 118 -22.02 -8.32 -9.80
CA ILE D 118 -22.32 -6.90 -9.79
C ILE D 118 -22.43 -6.37 -8.37
N ASP D 119 -22.55 -5.05 -8.26
CA ASP D 119 -22.71 -4.36 -6.99
C ASP D 119 -23.94 -4.86 -6.26
N PRO D 120 -23.80 -5.26 -4.99
CA PRO D 120 -24.96 -5.76 -4.23
C PRO D 120 -26.09 -4.75 -4.18
N ALA D 121 -25.74 -3.48 -3.94
CA ALA D 121 -26.72 -2.41 -3.91
C ALA D 121 -27.58 -2.43 -5.16
N VAL D 122 -26.95 -2.68 -6.32
CA VAL D 122 -27.70 -2.74 -7.59
C VAL D 122 -28.57 -3.99 -7.66
N SER D 123 -28.13 -5.09 -7.06
CA SER D 123 -28.97 -6.30 -6.92
C SER D 123 -30.26 -6.01 -6.14
N LYS D 124 -30.14 -5.32 -5.01
CA LYS D 124 -31.31 -4.93 -4.23
C LYS D 124 -32.25 -4.02 -5.04
N GLU D 125 -31.67 -3.04 -5.72
CA GLU D 125 -32.44 -2.12 -6.58
C GLU D 125 -33.28 -2.88 -7.59
N LEU D 126 -32.67 -3.84 -8.28
CA LEU D 126 -33.39 -4.70 -9.22
C LEU D 126 -34.47 -5.52 -8.52
N ALA D 127 -34.08 -6.09 -7.38
CA ALA D 127 -34.97 -6.90 -6.56
C ALA D 127 -36.23 -6.13 -6.22
N LYS D 128 -36.08 -4.87 -5.81
CA LYS D 128 -37.23 -4.04 -5.52
C LYS D 128 -38.08 -3.84 -6.79
N GLU D 129 -37.44 -3.61 -7.93
CA GLU D 129 -38.16 -3.39 -9.20
C GLU D 129 -38.82 -4.67 -9.74
N VAL D 130 -38.22 -5.83 -9.49
CA VAL D 130 -38.83 -7.11 -9.88
C VAL D 130 -40.00 -7.46 -8.97
N GLU D 131 -39.77 -7.32 -7.66
CA GLU D 131 -40.81 -7.55 -6.66
C GLU D 131 -42.03 -6.66 -6.89
N LYS D 132 -41.81 -5.43 -7.36
CA LYS D 132 -42.90 -4.50 -7.71
C LYS D 132 -43.75 -5.06 -8.86
N MET D 133 -43.12 -5.80 -9.77
CA MET D 133 -43.81 -6.43 -10.90
C MET D 133 -44.35 -7.84 -10.57
N GLY D 134 -44.27 -8.27 -9.31
CA GLY D 134 -44.83 -9.55 -8.90
C GLY D 134 -44.02 -10.75 -9.37
N ALA D 135 -42.72 -10.58 -9.45
CA ALA D 135 -41.82 -11.68 -9.77
C ALA D 135 -40.85 -11.84 -8.62
N VAL D 136 -40.00 -12.86 -8.70
CA VAL D 136 -38.94 -13.03 -7.73
C VAL D 136 -37.62 -12.81 -8.41
N PHE D 137 -36.72 -12.16 -7.69
CA PHE D 137 -35.34 -11.93 -8.15
C PHE D 137 -34.36 -12.58 -7.17
N MET D 138 -33.27 -13.11 -7.70
CA MET D 138 -32.25 -13.70 -6.86
C MET D 138 -30.87 -13.51 -7.47
N ASP D 139 -29.98 -12.88 -6.72
CA ASP D 139 -28.59 -12.82 -7.13
C ASP D 139 -27.92 -14.20 -6.94
N ALA D 140 -27.21 -14.67 -7.98
CA ALA D 140 -26.55 -15.98 -7.94
C ALA D 140 -25.21 -15.97 -8.70
N PRO D 141 -24.27 -15.12 -8.27
CA PRO D 141 -22.93 -15.08 -8.87
C PRO D 141 -22.22 -16.39 -8.63
N VAL D 142 -21.13 -16.65 -9.40
CA VAL D 142 -20.54 -17.99 -9.46
C VAL D 142 -19.04 -18.02 -9.11
N SER D 143 -18.62 -19.10 -8.47
CA SER D 143 -17.21 -19.40 -8.26
C SER D 143 -16.81 -20.55 -9.17
N GLY D 144 -15.57 -20.52 -9.66
CA GLY D 144 -15.11 -21.46 -10.69
C GLY D 144 -15.13 -20.78 -12.04
N GLY D 145 -14.21 -21.16 -12.92
CA GLY D 145 -14.04 -20.49 -14.20
C GLY D 145 -14.65 -21.21 -15.39
N VAL D 146 -14.08 -20.97 -16.57
CA VAL D 146 -14.65 -21.50 -17.81
C VAL D 146 -14.74 -23.03 -17.76
N GLY D 147 -13.73 -23.66 -17.12
CA GLY D 147 -13.71 -25.12 -16.98
C GLY D 147 -14.86 -25.66 -16.15
N ALA D 148 -15.01 -25.15 -14.93
CA ALA D 148 -16.11 -25.55 -14.05
C ALA D 148 -17.46 -25.28 -14.71
N ALA D 149 -17.53 -24.17 -15.44
CA ALA D 149 -18.71 -23.86 -16.25
C ALA D 149 -19.10 -25.02 -17.17
N ARG D 150 -18.12 -25.55 -17.90
CA ARG D 150 -18.37 -26.61 -18.88
C ARG D 150 -18.78 -27.90 -18.18
N SER D 151 -17.93 -28.34 -17.25
CA SER D 151 -18.17 -29.57 -16.50
C SER D 151 -19.46 -29.51 -15.67
N GLY D 152 -19.79 -28.32 -15.19
CA GLY D 152 -20.95 -28.11 -14.34
C GLY D 152 -20.64 -28.18 -12.84
N ASN D 153 -19.40 -27.87 -12.45
CA ASN D 153 -18.99 -27.88 -11.03
C ASN D 153 -18.86 -26.51 -10.37
N LEU D 154 -19.50 -25.50 -10.98
CA LEU D 154 -19.48 -24.14 -10.44
C LEU D 154 -20.17 -24.09 -9.08
N THR D 155 -19.72 -23.16 -8.24
CA THR D 155 -20.41 -22.87 -6.99
C THR D 155 -21.27 -21.61 -7.19
N PHE D 156 -22.54 -21.72 -6.83
CA PHE D 156 -23.44 -20.60 -6.91
C PHE D 156 -23.66 -20.09 -5.51
N MET D 157 -23.54 -18.78 -5.35
CA MET D 157 -23.77 -18.12 -4.09
C MET D 157 -25.06 -17.35 -4.25
N VAL D 158 -26.09 -17.75 -3.49
CA VAL D 158 -27.46 -17.34 -3.78
C VAL D 158 -28.04 -16.47 -2.69
N GLY D 159 -28.60 -15.33 -3.08
CA GLY D 159 -29.25 -14.43 -2.14
C GLY D 159 -30.66 -14.15 -2.62
N GLY D 160 -31.56 -13.92 -1.67
CA GLY D 160 -32.98 -13.66 -1.97
C GLY D 160 -33.89 -14.22 -0.92
N VAL D 161 -35.20 -14.13 -1.17
CA VAL D 161 -36.19 -14.65 -0.22
C VAL D 161 -36.04 -16.16 -0.11
N GLU D 162 -35.80 -16.63 1.11
CA GLU D 162 -35.37 -18.02 1.36
C GLU D 162 -36.35 -19.09 0.87
N ASP D 163 -37.64 -18.80 0.89
CA ASP D 163 -38.65 -19.75 0.37
C ASP D 163 -38.34 -20.16 -1.07
N GLU D 164 -37.90 -19.19 -1.86
CA GLU D 164 -37.63 -19.35 -3.27
C GLU D 164 -36.31 -20.11 -3.57
N PHE D 165 -35.47 -20.32 -2.56
CA PHE D 165 -34.17 -21.01 -2.75
C PHE D 165 -34.32 -22.44 -3.27
N ALA D 166 -35.35 -23.15 -2.79
CA ALA D 166 -35.66 -24.50 -3.26
C ALA D 166 -35.77 -24.52 -4.78
N ALA D 167 -36.67 -23.69 -5.31
CA ALA D 167 -36.88 -23.56 -6.77
C ALA D 167 -35.58 -23.26 -7.52
N ALA D 168 -34.81 -22.28 -7.04
CA ALA D 168 -33.59 -21.88 -7.74
C ALA D 168 -32.53 -22.99 -7.72
N GLN D 169 -32.47 -23.77 -6.65
CA GLN D 169 -31.52 -24.87 -6.55
C GLN D 169 -31.80 -25.93 -7.64
N GLU D 170 -33.08 -26.22 -7.89
CA GLU D 170 -33.48 -27.16 -8.95
C GLU D 170 -32.88 -26.72 -10.29
N LEU D 171 -32.90 -25.41 -10.57
CA LEU D 171 -32.47 -24.88 -11.85
C LEU D 171 -30.94 -24.74 -11.91
N LEU D 172 -30.35 -24.12 -10.88
CA LEU D 172 -28.90 -23.84 -10.85
C LEU D 172 -28.03 -25.10 -10.75
N GLY D 173 -28.58 -26.17 -10.16
CA GLY D 173 -27.86 -27.45 -10.01
C GLY D 173 -27.48 -28.12 -11.32
N CYS D 174 -28.15 -27.74 -12.41
CA CYS D 174 -27.81 -28.21 -13.76
C CYS D 174 -26.51 -27.64 -14.28
N MET D 175 -26.21 -26.42 -13.84
CA MET D 175 -25.02 -25.70 -14.25
C MET D 175 -23.89 -25.78 -13.22
N GLY D 176 -24.24 -26.15 -11.98
CA GLY D 176 -23.28 -26.18 -10.86
C GLY D 176 -23.46 -27.32 -9.84
N SER D 177 -22.37 -27.62 -9.14
CA SER D 177 -22.34 -28.72 -8.16
C SER D 177 -22.60 -28.27 -6.73
N ASN D 178 -22.37 -26.98 -6.45
CA ASN D 178 -22.66 -26.41 -5.13
C ASN D 178 -23.53 -25.16 -5.23
N VAL D 179 -24.65 -25.16 -4.54
CA VAL D 179 -25.54 -24.02 -4.50
C VAL D 179 -25.82 -23.68 -3.05
N VAL D 180 -25.29 -22.55 -2.61
CA VAL D 180 -25.32 -22.15 -1.20
C VAL D 180 -26.18 -20.91 -0.97
N TYR D 181 -27.06 -20.98 0.03
CA TYR D 181 -27.88 -19.83 0.40
C TYR D 181 -27.04 -18.88 1.27
N CYS D 182 -26.98 -17.60 0.87
CA CYS D 182 -26.16 -16.61 1.56
C CYS D 182 -26.94 -15.62 2.48
N GLY D 183 -28.26 -15.56 2.31
CA GLY D 183 -29.08 -14.59 3.02
C GLY D 183 -29.94 -13.79 2.05
N ALA D 184 -30.26 -12.55 2.42
CA ALA D 184 -31.14 -11.72 1.62
C ALA D 184 -30.49 -11.31 0.31
N VAL D 185 -31.29 -10.73 -0.58
CA VAL D 185 -30.84 -10.31 -1.88
C VAL D 185 -29.65 -9.39 -1.69
N GLY D 186 -28.55 -9.71 -2.38
CA GLY D 186 -27.31 -8.94 -2.27
C GLY D 186 -26.22 -9.72 -1.56
N THR D 187 -26.60 -10.68 -0.72
CA THR D 187 -25.61 -11.44 0.03
C THR D 187 -24.77 -12.37 -0.85
N GLY D 188 -25.33 -12.80 -1.98
CA GLY D 188 -24.56 -13.57 -2.97
C GLY D 188 -23.40 -12.75 -3.54
N GLN D 189 -23.72 -11.56 -4.01
CA GLN D 189 -22.73 -10.67 -4.53
C GLN D 189 -21.70 -10.35 -3.48
N ALA D 190 -22.17 -9.95 -2.30
CA ALA D 190 -21.32 -9.78 -1.12
C ALA D 190 -20.28 -10.90 -0.98
N ALA D 191 -20.74 -12.15 -0.99
CA ALA D 191 -19.86 -13.31 -0.81
C ALA D 191 -18.87 -13.45 -1.98
N LYS D 192 -19.35 -13.35 -3.22
CA LYS D 192 -18.47 -13.45 -4.40
C LYS D 192 -17.38 -12.39 -4.31
N ILE D 193 -17.77 -11.18 -3.94
CA ILE D 193 -16.88 -10.04 -3.96
C ILE D 193 -15.82 -10.18 -2.90
N CYS D 194 -16.14 -10.70 -1.72
CA CYS D 194 -15.09 -10.87 -0.68
C CYS D 194 -14.17 -12.06 -0.98
N ASN D 195 -14.71 -13.16 -1.49
CA ASN D 195 -13.81 -14.21 -1.96
C ASN D 195 -12.83 -13.66 -2.97
N ASN D 196 -13.28 -13.03 -4.05
CA ASN D 196 -12.34 -12.53 -5.05
C ASN D 196 -11.31 -11.54 -4.55
N MET D 197 -11.69 -10.71 -3.58
CA MET D 197 -10.72 -9.84 -3.02
C MET D 197 -9.67 -10.64 -2.30
N LEU D 198 -10.08 -11.66 -1.57
CA LEU D 198 -9.09 -12.49 -0.87
C LEU D 198 -8.18 -13.22 -1.88
N LEU D 199 -8.78 -13.73 -2.95
CA LEU D 199 -8.00 -14.34 -4.05
C LEU D 199 -6.94 -13.38 -4.60
N ALA D 200 -7.37 -12.17 -4.97
CA ALA D 200 -6.44 -11.17 -5.50
C ALA D 200 -5.31 -10.97 -4.54
N ILE D 201 -5.58 -10.77 -3.24
CA ILE D 201 -4.51 -10.53 -2.24
C ILE D 201 -3.53 -11.72 -2.12
N SER D 202 -4.06 -12.93 -2.10
CA SER D 202 -3.21 -14.11 -2.01
C SER D 202 -2.37 -14.38 -3.27
N MET D 203 -2.98 -14.11 -4.41
CA MET D 203 -2.31 -14.37 -5.67
C MET D 203 -1.17 -13.41 -5.84
N ILE D 204 -1.39 -12.14 -5.52
CA ILE D 204 -0.31 -11.16 -5.59
C ILE D 204 0.73 -11.53 -4.56
N GLY D 205 0.24 -11.92 -3.39
CA GLY D 205 1.07 -12.49 -2.35
C GLY D 205 1.96 -13.63 -2.82
N THR D 206 1.37 -14.60 -3.50
CA THR D 206 2.14 -15.74 -3.95
C THR D 206 3.23 -15.27 -4.85
N ALA D 207 2.84 -14.43 -5.82
CA ALA D 207 3.75 -13.89 -6.84
C ALA D 207 4.90 -13.17 -6.21
N GLU D 208 4.60 -12.34 -5.21
CA GLU D 208 5.64 -11.61 -4.47
C GLU D 208 6.56 -12.59 -3.70
N ALA D 209 5.94 -13.48 -2.94
CA ALA D 209 6.66 -14.55 -2.25
C ALA D 209 7.58 -15.33 -3.19
N MET D 210 7.06 -15.79 -4.33
CA MET D 210 7.85 -16.59 -5.27
C MET D 210 8.94 -15.77 -5.95
N ASN D 211 8.60 -14.55 -6.35
CA ASN D 211 9.60 -13.73 -7.01
C ASN D 211 10.78 -13.48 -6.07
N LEU D 212 10.47 -13.25 -4.79
CA LEU D 212 11.49 -12.93 -3.79
C LEU D 212 12.37 -14.15 -3.49
N GLY D 213 11.74 -15.31 -3.36
CA GLY D 213 12.49 -16.55 -3.18
C GLY D 213 13.44 -16.78 -4.33
N ILE D 214 12.90 -16.71 -5.56
CA ILE D 214 13.73 -16.95 -6.73
C ILE D 214 14.94 -16.04 -6.68
N ARG D 215 14.70 -14.76 -6.47
CA ARG D 215 15.77 -13.77 -6.50
C ARG D 215 16.75 -13.90 -5.34
N LEU D 216 16.31 -14.57 -4.27
CA LEU D 216 17.18 -15.00 -3.20
C LEU D 216 17.79 -16.36 -3.52
N GLY D 217 17.48 -16.89 -4.69
CA GLY D 217 18.22 -18.03 -5.25
C GLY D 217 17.59 -19.39 -5.09
N LEU D 218 16.36 -19.46 -4.58
CA LEU D 218 15.68 -20.74 -4.40
C LEU D 218 15.29 -21.36 -5.72
N ASP D 219 15.19 -22.70 -5.75
CA ASP D 219 14.51 -23.37 -6.85
C ASP D 219 12.98 -23.22 -6.64
N PRO D 220 12.27 -22.66 -7.65
CA PRO D 220 10.82 -22.48 -7.56
C PRO D 220 10.04 -23.71 -7.13
N LYS D 221 10.24 -24.83 -7.83
CA LYS D 221 9.49 -26.06 -7.54
C LYS D 221 9.63 -26.38 -6.07
N LEU D 222 10.83 -26.18 -5.51
CA LEU D 222 11.00 -26.38 -4.08
C LEU D 222 10.24 -25.35 -3.28
N LEU D 223 10.43 -24.07 -3.59
CA LEU D 223 9.76 -23.00 -2.82
C LEU D 223 8.25 -23.22 -2.75
N ALA D 224 7.64 -23.51 -3.90
CA ALA D 224 6.22 -23.87 -3.93
C ALA D 224 5.96 -25.07 -3.04
N LYS D 225 6.80 -26.11 -3.10
CA LYS D 225 6.63 -27.28 -2.25
C LYS D 225 6.56 -26.84 -0.79
N ILE D 226 7.44 -25.93 -0.42
CA ILE D 226 7.48 -25.47 0.96
C ILE D 226 6.26 -24.66 1.27
N LEU D 227 5.98 -23.65 0.47
CA LEU D 227 4.74 -22.91 0.65
C LEU D 227 3.58 -23.87 0.85
N ASN D 228 3.48 -24.87 -0.03
CA ASN D 228 2.30 -25.69 -0.09
C ASN D 228 2.16 -26.72 1.02
N MET D 229 3.22 -26.86 1.83
CA MET D 229 3.18 -27.65 3.06
C MET D 229 3.37 -26.79 4.33
N SER D 230 3.19 -25.47 4.23
CA SER D 230 3.37 -24.57 5.38
C SER D 230 2.17 -23.64 5.57
N SER D 231 2.31 -22.72 6.52
CA SER D 231 1.29 -21.71 6.81
C SER D 231 1.02 -20.75 5.64
N GLY D 232 1.91 -20.68 4.67
CA GLY D 232 1.66 -19.90 3.46
C GLY D 232 0.66 -20.51 2.50
N ARG D 233 0.42 -21.82 2.61
CA ARG D 233 -0.37 -22.55 1.63
C ARG D 233 -1.66 -21.83 1.31
N CYS D 234 -2.05 -21.78 0.05
CA CYS D 234 -3.37 -21.31 -0.37
C CYS D 234 -3.69 -21.74 -1.79
N TRP D 235 -4.95 -21.54 -2.18
CA TRP D 235 -5.46 -21.98 -3.49
C TRP D 235 -4.59 -21.46 -4.61
N SER D 236 -4.30 -20.16 -4.54
CA SER D 236 -3.33 -19.56 -5.45
C SER D 236 -2.06 -20.37 -5.54
N SER D 237 -1.41 -20.70 -4.43
CA SER D 237 -0.12 -21.38 -4.58
C SER D 237 -0.23 -22.86 -4.83
N ASP D 238 -1.31 -23.54 -4.42
CA ASP D 238 -1.32 -25.01 -4.55
C ASP D 238 -2.21 -25.51 -5.67
N THR D 239 -2.91 -24.60 -6.32
CA THR D 239 -3.84 -25.02 -7.38
C THR D 239 -3.70 -24.21 -8.66
N TYR D 240 -3.01 -23.09 -8.62
CA TYR D 240 -3.07 -22.15 -9.73
C TYR D 240 -1.84 -21.30 -9.72
N ASN D 241 -0.70 -21.95 -9.46
CA ASN D 241 0.53 -21.26 -9.12
C ASN D 241 1.05 -20.43 -10.28
N PRO D 242 1.29 -19.14 -10.04
CA PRO D 242 1.53 -18.25 -11.18
C PRO D 242 2.92 -18.36 -11.84
N VAL D 243 3.89 -19.01 -11.19
CA VAL D 243 5.24 -19.13 -11.73
C VAL D 243 5.32 -20.21 -12.81
N PRO D 244 5.61 -19.81 -14.05
CA PRO D 244 5.68 -20.79 -15.15
C PRO D 244 6.54 -21.99 -14.82
N GLY D 245 5.96 -23.17 -14.94
CA GLY D 245 6.71 -24.42 -14.83
C GLY D 245 6.66 -25.09 -13.46
N VAL D 246 6.03 -24.45 -12.48
CA VAL D 246 5.90 -25.07 -11.16
C VAL D 246 4.79 -26.13 -11.19
N MET D 247 3.67 -25.81 -11.81
CA MET D 247 2.55 -26.74 -11.92
C MET D 247 2.18 -26.90 -13.37
N ASP D 248 1.74 -28.09 -13.74
CA ASP D 248 1.07 -28.28 -15.01
C ASP D 248 -0.40 -27.89 -14.88
N GLY D 249 -1.03 -27.61 -16.01
CA GLY D 249 -2.47 -27.45 -16.07
C GLY D 249 -3.03 -26.06 -15.78
N VAL D 250 -2.16 -25.12 -15.44
CA VAL D 250 -2.58 -23.78 -15.02
C VAL D 250 -2.16 -22.76 -16.07
N PRO D 251 -2.80 -21.58 -16.08
CA PRO D 251 -2.44 -20.57 -17.08
C PRO D 251 -0.95 -20.23 -17.21
N SER D 252 -0.20 -20.24 -16.11
CA SER D 252 1.25 -19.98 -16.16
C SER D 252 2.05 -21.02 -16.96
N ALA D 253 1.46 -22.18 -17.21
CA ALA D 253 2.06 -23.17 -18.13
C ALA D 253 1.80 -22.83 -19.59
N ASN D 254 0.85 -21.92 -19.85
CA ASN D 254 0.41 -21.62 -21.23
C ASN D 254 0.40 -20.12 -21.48
N ASN D 255 1.46 -19.42 -21.06
CA ASN D 255 1.62 -17.97 -21.29
C ASN D 255 0.43 -17.12 -20.79
N TYR D 256 -0.26 -17.62 -19.77
CA TYR D 256 -1.35 -16.92 -19.14
C TYR D 256 -2.50 -16.62 -20.09
N GLN D 257 -2.74 -17.47 -21.08
CA GLN D 257 -3.95 -17.34 -21.95
C GLN D 257 -5.19 -17.77 -21.17
N GLY D 258 -6.35 -17.32 -21.63
CA GLY D 258 -7.63 -17.75 -21.07
C GLY D 258 -7.66 -17.55 -19.56
N GLY D 259 -8.20 -18.53 -18.85
CA GLY D 259 -8.35 -18.43 -17.41
C GLY D 259 -9.37 -17.37 -17.02
N PHE D 260 -9.04 -16.60 -15.99
CA PHE D 260 -9.89 -15.54 -15.47
C PHE D 260 -9.19 -14.22 -15.73
N GLY D 261 -9.81 -13.41 -16.59
CA GLY D 261 -9.14 -12.26 -17.20
C GLY D 261 -8.86 -11.11 -16.29
N THR D 262 -7.71 -10.51 -16.47
CA THR D 262 -7.25 -9.40 -15.65
C THR D 262 -8.27 -8.26 -15.63
N THR D 263 -8.92 -8.01 -16.76
CA THR D 263 -10.01 -7.04 -16.84
C THR D 263 -11.13 -7.29 -15.82
N LEU D 264 -11.57 -8.55 -15.75
CA LEU D 264 -12.66 -8.94 -14.84
C LEU D 264 -12.22 -8.93 -13.38
N MET D 265 -11.00 -9.37 -13.12
CA MET D 265 -10.50 -9.34 -11.77
C MET D 265 -10.50 -7.88 -11.36
N ALA D 266 -10.03 -6.98 -12.23
CA ALA D 266 -9.97 -5.56 -11.88
C ALA D 266 -11.37 -5.06 -11.64
N LYS D 267 -12.31 -5.54 -12.43
CA LYS D 267 -13.71 -5.15 -12.25
C LYS D 267 -14.22 -5.57 -10.88
N ASP D 268 -14.03 -6.84 -10.54
CA ASP D 268 -14.47 -7.39 -9.24
C ASP D 268 -13.81 -6.67 -8.08
N LEU D 269 -12.57 -6.31 -8.21
CA LEU D 269 -11.91 -5.59 -7.11
C LEU D 269 -12.38 -4.12 -7.02
N GLY D 270 -12.91 -3.57 -8.11
CA GLY D 270 -13.60 -2.28 -8.08
C GLY D 270 -14.90 -2.36 -7.30
N LEU D 271 -15.54 -3.52 -7.35
CA LEU D 271 -16.80 -3.80 -6.66
C LEU D 271 -16.48 -3.94 -5.19
N ALA D 272 -15.40 -4.66 -4.86
CA ALA D 272 -15.00 -4.71 -3.47
C ALA D 272 -14.74 -3.29 -2.97
N GLN D 273 -13.93 -2.51 -3.70
CA GLN D 273 -13.51 -1.18 -3.26
C GLN D 273 -14.71 -0.31 -3.00
N ASP D 274 -15.62 -0.28 -3.92
CA ASP D 274 -16.78 0.60 -3.74
C ASP D 274 -17.70 0.15 -2.60
N SER D 275 -17.88 -1.14 -2.41
CA SER D 275 -18.52 -1.64 -1.22
C SER D 275 -17.75 -1.31 0.05
N ALA D 276 -16.43 -1.45 -0.01
CA ALA D 276 -15.55 -1.15 1.15
C ALA D 276 -15.74 0.30 1.60
N THR D 277 -15.79 1.21 0.66
CA THR D 277 -16.06 2.60 0.95
C THR D 277 -17.46 2.81 1.53
N SER D 278 -18.45 2.26 0.86
CA SER D 278 -19.84 2.44 1.25
C SER D 278 -20.12 1.91 2.67
N THR D 279 -19.47 0.81 3.06
CA THR D 279 -19.61 0.23 4.41
C THR D 279 -18.53 0.78 5.37
N LYS D 280 -17.80 1.80 4.96
CA LYS D 280 -16.62 2.24 5.73
C LYS D 280 -15.84 1.08 6.29
N SER D 281 -15.37 0.19 5.44
CA SER D 281 -14.50 -0.92 5.87
C SER D 281 -13.06 -0.74 5.37
N PRO D 282 -12.09 -0.63 6.30
CA PRO D 282 -10.70 -0.48 5.89
C PRO D 282 -10.22 -1.69 5.12
N ILE D 283 -9.64 -1.50 3.95
CA ILE D 283 -9.07 -2.63 3.20
C ILE D 283 -7.73 -2.19 2.59
N LEU D 284 -6.68 -2.23 3.39
CA LEU D 284 -5.39 -1.71 2.97
C LEU D 284 -4.87 -2.55 1.83
N LEU D 285 -4.85 -3.86 2.01
CA LEU D 285 -4.28 -4.72 1.00
C LEU D 285 -5.23 -4.92 -0.17
N GLY D 286 -6.52 -4.98 0.08
CA GLY D 286 -7.52 -5.17 -0.99
C GLY D 286 -7.48 -4.00 -1.93
N SER D 287 -7.26 -2.81 -1.38
CA SER D 287 -7.10 -1.59 -2.14
C SER D 287 -5.84 -1.63 -3.02
N LEU D 288 -4.72 -2.05 -2.43
CA LEU D 288 -3.50 -2.18 -3.18
C LEU D 288 -3.70 -3.19 -4.28
N ALA D 289 -4.32 -4.31 -3.94
CA ALA D 289 -4.58 -5.36 -4.88
C ALA D 289 -5.33 -4.75 -6.06
N HIS D 290 -6.33 -3.96 -5.74
CA HIS D 290 -7.19 -3.36 -6.77
C HIS D 290 -6.30 -2.54 -7.66
N GLN D 291 -5.47 -1.70 -7.04
CA GLN D 291 -4.67 -0.75 -7.82
C GLN D 291 -3.65 -1.49 -8.69
N ILE D 292 -3.06 -2.56 -8.19
CA ILE D 292 -2.09 -3.30 -8.97
C ILE D 292 -2.77 -3.86 -10.25
N TYR D 293 -3.90 -4.52 -10.07
CA TYR D 293 -4.59 -5.07 -11.19
C TYR D 293 -5.05 -4.00 -12.14
N ARG D 294 -5.38 -2.83 -11.62
CA ARG D 294 -5.71 -1.70 -12.48
C ARG D 294 -4.60 -1.40 -13.41
N MET D 295 -3.41 -1.26 -12.85
CA MET D 295 -2.23 -0.94 -13.61
C MET D 295 -1.94 -2.00 -14.67
N MET D 296 -1.99 -3.26 -14.25
CA MET D 296 -1.82 -4.35 -15.19
C MET D 296 -2.77 -4.21 -16.40
N CYS D 297 -4.00 -3.79 -16.19
CA CYS D 297 -4.92 -3.57 -17.34
C CYS D 297 -4.48 -2.44 -18.23
N ALA D 298 -3.76 -1.47 -17.67
CA ALA D 298 -3.29 -0.34 -18.45
C ALA D 298 -2.08 -0.74 -19.26
N LYS D 299 -1.55 -1.92 -19.00
CA LYS D 299 -0.24 -2.26 -19.48
C LYS D 299 -0.28 -3.58 -20.21
N GLY D 300 -1.41 -3.83 -20.86
CA GLY D 300 -1.52 -4.96 -21.76
C GLY D 300 -1.50 -6.30 -21.08
N TYR D 301 -1.92 -6.32 -19.82
CA TYR D 301 -2.20 -7.58 -19.12
C TYR D 301 -3.66 -7.93 -19.17
N SER D 302 -4.48 -7.06 -19.74
CA SER D 302 -5.92 -7.15 -19.61
C SER D 302 -6.47 -8.46 -20.17
N LYS D 303 -5.94 -8.90 -21.31
CA LYS D 303 -6.45 -10.13 -21.92
C LYS D 303 -5.82 -11.39 -21.29
N LYS D 304 -4.93 -11.20 -20.33
CA LYS D 304 -4.25 -12.32 -19.71
C LYS D 304 -4.88 -12.71 -18.37
N ASP D 305 -4.81 -13.99 -18.06
CA ASP D 305 -5.28 -14.52 -16.77
C ASP D 305 -4.67 -13.69 -15.65
N PHE D 306 -5.40 -13.53 -14.57
CA PHE D 306 -4.95 -12.73 -13.46
C PHE D 306 -3.66 -13.22 -12.78
N SER D 307 -3.30 -14.49 -12.97
CA SER D 307 -2.09 -14.99 -12.35
C SER D 307 -0.84 -14.41 -13.03
N SER D 308 -1.05 -13.72 -14.14
CA SER D 308 0.01 -13.02 -14.83
C SER D 308 0.60 -11.89 -14.00
N VAL D 309 0.03 -11.60 -12.85
CA VAL D 309 0.66 -10.65 -11.95
C VAL D 309 2.10 -11.07 -11.62
N PHE D 310 2.41 -12.37 -11.59
CA PHE D 310 3.82 -12.79 -11.41
C PHE D 310 4.69 -12.23 -12.53
N GLN D 311 4.22 -12.36 -13.78
CA GLN D 311 4.95 -11.81 -14.92
C GLN D 311 5.27 -10.35 -14.75
N PHE D 312 4.32 -9.63 -14.19
CA PHE D 312 4.39 -8.18 -14.03
C PHE D 312 5.43 -7.74 -13.03
N LEU D 313 5.56 -8.48 -11.92
CA LEU D 313 6.55 -8.16 -10.88
C LEU D 313 7.98 -8.58 -11.24
N ARG D 314 8.07 -9.68 -11.97
CA ARG D 314 9.34 -10.32 -12.31
C ARG D 314 10.11 -9.43 -13.28
N GLU D 315 11.41 -9.29 -13.05
CA GLU D 315 12.29 -8.46 -13.89
C GLU D 315 12.41 -9.04 -15.31
#